data_4IJS
#
_entry.id   4IJS
#
_cell.length_a   106.140
_cell.length_b   106.140
_cell.length_c   485.187
_cell.angle_alpha   90.00
_cell.angle_beta   90.00
_cell.angle_gamma   90.00
#
_symmetry.space_group_name_H-M   'I 4 2 2'
#
loop_
_entity.id
_entity.type
_entity.pdbx_description
1 polymer Nucleoprotein
2 polymer "RNA (5'-R(P*AP*AP*AP*AP*AP*AP*AP*AP*AP*A)-3')"
3 water water
#
loop_
_entity_poly.entity_id
_entity_poly.type
_entity_poly.pdbx_seq_one_letter_code
_entity_poly.pdbx_strand_id
1 'polypeptide(L)'
;MRGSHHHHHHGSIEGRIELEFHDVAANTSSTFDPEVAYANFKRVHTTGLSYDHIRIFYIKGREIKTSLAKRSEWEVTLNL
GGWKITVYNTNFPGNRNSPVPDDGLTLHRLSGFLARYLLEKMLKVSEPEKLIIKSKIINPLAEKNGITWNDGEEVYLSFF
PGSEMFLGTFRFYPLAIGIYKVQRKEMEPKYLEKTMRQRYMGLEAATWTVSKLTEVQSALTVVSSLGWKKTNVSAAARDF
LAKFGINM
;
A,B,C,D
2 'polyribonucleotide' AAAAAAAAAA E,F,G,H
#
loop_
_chem_comp.id
_chem_comp.type
_chem_comp.name
_chem_comp.formula
A RNA linking ADENOSINE-5'-MONOPHOSPHATE 'C10 H14 N5 O7 P'
#
# COMPACT_ATOMS: atom_id res chain seq x y z
N ILE A 17 -0.44 37.96 -6.98
CA ILE A 17 0.70 37.22 -6.41
C ILE A 17 0.22 36.00 -5.64
N GLU A 18 0.19 34.86 -6.31
CA GLU A 18 -0.24 33.60 -5.68
C GLU A 18 0.90 32.71 -5.28
N LEU A 19 0.74 32.03 -4.15
CA LEU A 19 1.83 31.20 -3.60
C LEU A 19 1.65 29.70 -3.86
N GLU A 20 2.60 29.09 -4.56
CA GLU A 20 2.52 27.66 -4.86
C GLU A 20 3.69 26.86 -4.30
N PHE A 21 3.40 25.77 -3.62
CA PHE A 21 4.44 25.06 -2.88
C PHE A 21 4.72 23.65 -3.40
N HIS A 22 5.98 23.25 -3.33
CA HIS A 22 6.35 21.93 -3.77
C HIS A 22 7.24 21.34 -2.70
N ASP A 23 7.24 20.02 -2.57
CA ASP A 23 7.94 19.37 -1.46
C ASP A 23 8.92 18.34 -2.01
N VAL A 24 9.99 18.02 -1.26
CA VAL A 24 10.98 17.06 -1.75
C VAL A 24 10.31 15.74 -2.06
N ALA A 25 11.01 14.92 -2.83
CA ALA A 25 10.53 13.61 -3.19
C ALA A 25 11.54 12.55 -2.81
N ALA A 26 11.09 11.57 -2.06
CA ALA A 26 11.94 10.53 -1.52
C ALA A 26 12.28 9.53 -2.58
N ASN A 27 13.20 8.63 -2.25
CA ASN A 27 13.77 7.72 -3.23
C ASN A 27 13.55 6.18 -3.25
N THR A 28 12.67 5.62 -2.44
CA THR A 28 12.74 4.18 -2.24
C THR A 28 12.10 3.44 -3.38
N SER A 29 11.84 2.16 -3.14
CA SER A 29 11.23 1.25 -4.10
C SER A 29 9.75 1.06 -3.78
N SER A 30 9.11 0.16 -4.49
CA SER A 30 7.66 0.07 -4.59
C SER A 30 7.19 -0.98 -3.62
N THR A 31 6.09 -0.69 -2.92
CA THR A 31 5.67 -1.55 -1.85
C THR A 31 4.45 -2.32 -2.21
N PHE A 32 3.83 -1.97 -3.31
CA PHE A 32 2.54 -2.56 -3.66
C PHE A 32 2.76 -3.97 -4.17
N ASP A 33 2.25 -4.96 -3.41
CA ASP A 33 2.47 -6.36 -3.72
C ASP A 33 1.17 -7.02 -4.21
N PRO A 34 1.06 -7.29 -5.52
CA PRO A 34 -0.09 -7.93 -6.15
C PRO A 34 -0.63 -9.14 -5.43
N GLU A 35 0.20 -9.75 -4.61
CA GLU A 35 -0.19 -10.99 -3.97
C GLU A 35 -0.92 -10.70 -2.68
N VAL A 36 -0.30 -9.89 -1.82
CA VAL A 36 -1.02 -9.37 -0.69
C VAL A 36 -2.32 -8.76 -1.24
N ALA A 37 -2.20 -7.79 -2.16
CA ALA A 37 -3.32 -7.00 -2.66
C ALA A 37 -4.51 -7.82 -3.10
N TYR A 38 -4.21 -8.94 -3.74
CA TYR A 38 -5.27 -9.79 -4.19
C TYR A 38 -5.83 -10.50 -2.96
N ALA A 39 -4.96 -11.05 -2.12
CA ALA A 39 -5.46 -11.80 -0.99
C ALA A 39 -6.22 -10.88 -0.02
N ASN A 40 -6.02 -9.58 -0.20
CA ASN A 40 -6.70 -8.57 0.60
C ASN A 40 -7.93 -8.09 -0.10
N PHE A 41 -8.06 -8.43 -1.38
CA PHE A 41 -9.28 -8.06 -2.10
C PHE A 41 -10.26 -9.20 -1.96
N LYS A 42 -9.75 -10.42 -1.90
CA LYS A 42 -10.61 -11.57 -1.75
C LYS A 42 -11.59 -11.63 -0.57
N ARG A 43 -11.13 -11.25 0.59
CA ARG A 43 -12.04 -11.19 1.70
C ARG A 43 -12.81 -9.89 1.80
N VAL A 44 -12.14 -8.77 1.98
CA VAL A 44 -12.86 -7.52 2.04
C VAL A 44 -13.99 -7.45 0.98
N HIS A 45 -13.67 -7.65 -0.30
CA HIS A 45 -14.70 -7.66 -1.36
C HIS A 45 -15.05 -9.05 -1.96
N THR A 46 -16.08 -9.12 -2.76
CA THR A 46 -16.63 -10.42 -3.16
C THR A 46 -17.18 -11.33 -2.06
N THR A 47 -18.00 -10.79 -1.18
CA THR A 47 -18.81 -11.57 -0.30
C THR A 47 -19.81 -12.43 -1.07
N GLY A 48 -20.44 -11.83 -2.07
CA GLY A 48 -21.52 -12.51 -2.77
C GLY A 48 -21.24 -13.73 -3.61
N LEU A 49 -20.27 -13.68 -4.52
CA LEU A 49 -20.06 -12.61 -5.47
C LEU A 49 -20.72 -13.35 -6.59
N SER A 50 -21.31 -12.60 -7.49
CA SER A 50 -21.89 -13.21 -8.66
C SER A 50 -20.97 -13.20 -9.85
N TYR A 51 -21.07 -14.24 -10.64
CA TYR A 51 -20.49 -14.21 -11.93
C TYR A 51 -21.20 -13.16 -12.72
N ASP A 52 -22.42 -12.84 -12.37
CA ASP A 52 -23.14 -11.79 -13.05
C ASP A 52 -22.69 -10.38 -12.73
N HIS A 53 -21.97 -10.20 -11.64
CA HIS A 53 -21.29 -8.98 -11.35
C HIS A 53 -20.06 -8.81 -12.14
N ILE A 54 -19.30 -9.87 -12.24
CA ILE A 54 -18.09 -9.85 -13.06
C ILE A 54 -18.44 -9.67 -14.56
N ARG A 55 -19.42 -10.45 -15.02
CA ARG A 55 -19.92 -10.29 -16.35
C ARG A 55 -20.26 -8.83 -16.64
N ILE A 56 -21.02 -8.19 -15.75
CA ILE A 56 -21.32 -6.77 -15.92
C ILE A 56 -20.04 -5.95 -16.02
N PHE A 57 -19.13 -6.20 -15.10
CA PHE A 57 -17.92 -5.37 -15.00
C PHE A 57 -17.17 -5.36 -16.31
N TYR A 58 -16.96 -6.56 -16.85
CA TYR A 58 -16.09 -6.81 -17.98
C TYR A 58 -16.64 -6.40 -19.36
N ILE A 59 -17.93 -6.64 -19.62
CA ILE A 59 -18.55 -6.26 -20.92
C ILE A 59 -18.90 -4.77 -21.02
N LYS A 60 -19.07 -4.12 -19.86
CA LYS A 60 -19.26 -2.68 -19.83
C LYS A 60 -17.97 -1.95 -19.38
N GLY A 61 -16.87 -2.68 -19.29
CA GLY A 61 -15.62 -2.17 -18.79
C GLY A 61 -15.04 -1.05 -19.62
N ARG A 62 -15.44 -0.94 -20.89
CA ARG A 62 -14.97 0.16 -21.73
C ARG A 62 -15.81 1.40 -21.46
N GLU A 63 -17.10 1.19 -21.27
CA GLU A 63 -17.96 2.25 -20.80
C GLU A 63 -17.46 2.67 -19.42
N ILE A 64 -17.40 1.71 -18.49
CA ILE A 64 -16.97 1.99 -17.14
C ILE A 64 -15.74 2.87 -17.12
N LYS A 65 -14.84 2.68 -18.09
CA LYS A 65 -13.62 3.48 -18.12
C LYS A 65 -13.86 4.91 -18.59
N THR A 66 -14.82 5.09 -19.50
CA THR A 66 -15.01 6.41 -20.12
C THR A 66 -15.69 7.37 -19.17
N SER A 67 -16.54 6.81 -18.31
CA SER A 67 -17.22 7.57 -17.25
C SER A 67 -16.18 8.10 -16.29
N LEU A 68 -15.50 7.20 -15.62
CA LEU A 68 -14.45 7.58 -14.68
C LEU A 68 -13.45 8.60 -15.21
N ALA A 69 -13.29 8.72 -16.52
CA ALA A 69 -12.37 9.71 -17.04
C ALA A 69 -13.07 11.03 -17.29
N LYS A 70 -14.41 11.00 -17.44
CA LYS A 70 -15.23 12.24 -17.50
C LYS A 70 -15.39 12.85 -16.11
N ARG A 71 -15.77 12.02 -15.14
CA ARG A 71 -15.98 12.46 -13.76
C ARG A 71 -14.67 12.91 -13.10
N SER A 72 -14.70 14.08 -12.50
CA SER A 72 -13.48 14.75 -12.07
C SER A 72 -13.07 14.33 -10.66
N GLU A 73 -13.90 13.48 -10.05
CA GLU A 73 -13.80 13.12 -8.63
C GLU A 73 -13.26 11.73 -8.32
N TRP A 74 -12.46 11.65 -7.28
CA TRP A 74 -11.48 10.63 -7.13
C TRP A 74 -11.75 9.49 -6.19
N GLU A 75 -12.96 9.35 -5.71
CA GLU A 75 -13.38 8.09 -5.15
C GLU A 75 -14.65 7.95 -5.81
N VAL A 76 -14.86 6.84 -6.47
CA VAL A 76 -16.08 6.63 -7.16
C VAL A 76 -16.46 5.29 -6.73
N THR A 77 -17.69 5.12 -6.32
CA THR A 77 -18.19 3.76 -6.12
C THR A 77 -19.05 3.27 -7.29
N LEU A 78 -18.71 2.09 -7.85
CA LEU A 78 -19.57 1.53 -8.91
C LEU A 78 -20.48 0.36 -8.53
N ASN A 79 -21.69 0.45 -9.04
CA ASN A 79 -22.69 -0.55 -8.83
C ASN A 79 -22.84 -1.31 -10.09
N LEU A 80 -22.45 -2.56 -10.05
CA LEU A 80 -22.68 -3.42 -11.16
C LEU A 80 -22.80 -4.71 -10.51
N GLY A 81 -23.67 -5.58 -11.00
CA GLY A 81 -24.98 -5.27 -11.46
C GLY A 81 -25.77 -4.84 -10.25
N GLY A 82 -25.55 -5.55 -9.16
CA GLY A 82 -25.93 -5.11 -7.84
C GLY A 82 -24.77 -5.08 -6.88
N TRP A 83 -23.55 -5.09 -7.38
CA TRP A 83 -22.37 -5.27 -6.57
C TRP A 83 -21.66 -4.00 -6.51
N LYS A 84 -21.53 -3.47 -5.32
CA LYS A 84 -20.95 -2.15 -5.09
C LYS A 84 -19.47 -2.29 -4.68
N ILE A 85 -18.62 -1.69 -5.53
CA ILE A 85 -17.16 -1.76 -5.39
C ILE A 85 -16.54 -0.38 -5.70
N THR A 86 -15.83 0.20 -4.73
CA THR A 86 -15.35 1.58 -4.90
C THR A 86 -13.89 1.66 -5.31
N VAL A 87 -13.63 2.48 -6.32
CA VAL A 87 -12.42 2.39 -7.11
C VAL A 87 -11.78 3.76 -7.20
N TYR A 88 -10.56 3.93 -6.71
CA TYR A 88 -9.95 5.24 -6.82
C TYR A 88 -9.85 5.61 -8.29
N ASN A 89 -10.47 6.71 -8.64
CA ASN A 89 -10.57 7.04 -10.03
C ASN A 89 -9.27 7.64 -10.42
N THR A 90 -8.37 6.82 -10.92
CA THR A 90 -7.10 7.31 -11.47
C THR A 90 -7.24 7.52 -12.97
N ASN A 91 -8.42 7.33 -13.50
CA ASN A 91 -8.54 7.45 -14.91
C ASN A 91 -8.75 8.86 -15.22
N PHE A 92 -9.75 9.42 -14.55
CA PHE A 92 -10.09 10.81 -14.69
C PHE A 92 -8.83 11.61 -14.77
N PRO A 93 -8.63 12.25 -15.99
CA PRO A 93 -7.31 12.85 -16.12
C PRO A 93 -7.37 14.32 -15.97
N GLY A 94 -6.46 14.95 -15.25
CA GLY A 94 -5.41 14.28 -14.55
C GLY A 94 -6.10 13.48 -13.50
N ASN A 95 -5.52 12.34 -13.22
CA ASN A 95 -5.96 11.44 -12.17
C ASN A 95 -6.60 12.14 -10.98
N ARG A 96 -5.83 12.93 -10.26
CA ARG A 96 -4.52 13.39 -10.68
C ARG A 96 -3.35 12.85 -9.88
N ASN A 97 -2.76 11.74 -10.32
CA ASN A 97 -1.57 11.17 -9.69
C ASN A 97 -1.66 11.20 -8.19
N SER A 98 -2.87 11.25 -7.70
CA SER A 98 -3.12 11.07 -6.30
C SER A 98 -2.83 9.63 -6.00
N PRO A 99 -1.73 9.43 -5.15
CA PRO A 99 -1.34 8.03 -5.02
C PRO A 99 -2.45 7.12 -4.62
N VAL A 100 -2.55 5.97 -5.25
CA VAL A 100 -3.43 4.93 -4.75
C VAL A 100 -2.57 4.30 -3.69
N PRO A 101 -3.18 3.76 -2.63
CA PRO A 101 -2.33 3.03 -1.70
C PRO A 101 -2.28 1.57 -2.10
N ASP A 102 -1.42 0.83 -1.44
CA ASP A 102 -1.25 -0.55 -1.66
C ASP A 102 -2.52 -1.30 -1.36
N ASP A 103 -3.46 -0.69 -0.68
CA ASP A 103 -4.74 -1.36 -0.46
C ASP A 103 -5.81 -0.72 -1.27
N GLY A 104 -5.41 -0.09 -2.35
CA GLY A 104 -6.35 0.64 -3.18
C GLY A 104 -6.75 -0.11 -4.43
N LEU A 105 -7.97 0.13 -4.89
CA LEU A 105 -8.46 -0.46 -6.14
C LEU A 105 -8.58 0.59 -7.21
N THR A 106 -8.53 0.11 -8.44
CA THR A 106 -8.37 0.93 -9.60
C THR A 106 -9.08 0.12 -10.60
N LEU A 107 -9.57 0.74 -11.67
CA LEU A 107 -10.23 -0.01 -12.71
C LEU A 107 -9.31 -1.10 -13.22
N HIS A 108 -8.05 -0.74 -13.38
CA HIS A 108 -7.03 -1.68 -13.77
C HIS A 108 -6.71 -2.72 -12.69
N ARG A 109 -6.41 -2.28 -11.47
CA ARG A 109 -6.12 -3.22 -10.39
C ARG A 109 -7.28 -4.15 -10.24
N LEU A 110 -8.48 -3.61 -10.40
CA LEU A 110 -9.69 -4.40 -10.22
C LEU A 110 -9.82 -5.43 -11.34
N SER A 111 -9.50 -5.02 -12.56
CA SER A 111 -9.70 -5.90 -13.70
C SER A 111 -8.94 -7.21 -13.58
N GLY A 112 -7.68 -7.10 -13.14
CA GLY A 112 -6.78 -8.24 -13.07
C GLY A 112 -7.01 -9.05 -11.83
N PHE A 113 -7.44 -8.38 -10.77
CA PHE A 113 -7.87 -9.07 -9.58
C PHE A 113 -8.97 -10.02 -9.93
N LEU A 114 -9.95 -9.54 -10.69
CA LEU A 114 -11.07 -10.38 -11.10
C LEU A 114 -10.61 -11.43 -12.07
N ALA A 115 -9.78 -11.00 -13.02
CA ALA A 115 -9.19 -11.92 -13.96
C ALA A 115 -8.54 -13.08 -13.23
N ARG A 116 -7.82 -12.81 -12.14
CA ARG A 116 -7.20 -13.92 -11.44
C ARG A 116 -8.21 -14.69 -10.64
N TYR A 117 -9.16 -13.96 -10.05
CA TYR A 117 -10.19 -14.58 -9.23
C TYR A 117 -11.04 -15.57 -10.03
N LEU A 118 -11.32 -15.25 -11.29
CA LEU A 118 -12.03 -16.19 -12.16
C LEU A 118 -11.18 -17.43 -12.38
N LEU A 119 -9.91 -17.24 -12.74
CA LEU A 119 -9.04 -18.38 -12.97
C LEU A 119 -8.89 -19.28 -11.75
N GLU A 120 -9.00 -18.71 -10.55
CA GLU A 120 -8.94 -19.53 -9.33
C GLU A 120 -10.18 -20.37 -9.22
N LYS A 121 -11.28 -19.89 -9.80
CA LYS A 121 -12.51 -20.65 -9.77
C LYS A 121 -12.42 -21.74 -10.84
N MET A 122 -12.16 -21.32 -12.08
CA MET A 122 -11.86 -22.24 -13.19
C MET A 122 -10.96 -23.43 -12.84
N LEU A 123 -10.09 -23.24 -11.85
CA LEU A 123 -9.21 -24.31 -11.40
C LEU A 123 -9.82 -25.08 -10.23
N LYS A 124 -10.10 -24.34 -9.16
CA LYS A 124 -10.69 -24.87 -7.94
C LYS A 124 -11.93 -25.73 -8.17
N VAL A 125 -12.81 -25.35 -9.08
CA VAL A 125 -14.16 -25.92 -9.10
C VAL A 125 -14.46 -27.11 -10.02
N SER A 126 -15.74 -27.52 -9.98
CA SER A 126 -16.26 -28.66 -10.72
C SER A 126 -16.37 -28.36 -12.20
N GLU A 127 -16.75 -29.37 -12.97
CA GLU A 127 -16.96 -29.20 -14.40
C GLU A 127 -18.30 -28.53 -14.75
N PRO A 128 -19.40 -28.86 -14.04
CA PRO A 128 -20.67 -28.24 -14.43
C PRO A 128 -20.70 -26.74 -14.17
N GLU A 129 -19.95 -26.30 -13.14
CA GLU A 129 -19.80 -24.88 -12.82
C GLU A 129 -18.91 -24.24 -13.85
N LYS A 130 -17.88 -24.97 -14.27
CA LYS A 130 -16.94 -24.51 -15.31
C LYS A 130 -17.64 -24.26 -16.65
N LEU A 131 -18.80 -24.86 -16.83
CA LEU A 131 -19.52 -24.69 -18.06
C LEU A 131 -20.53 -23.54 -17.94
N ILE A 132 -21.01 -23.27 -16.72
CA ILE A 132 -21.92 -22.13 -16.52
C ILE A 132 -21.13 -20.85 -16.56
N ILE A 133 -19.93 -20.87 -16.02
CA ILE A 133 -19.14 -19.65 -15.97
C ILE A 133 -18.64 -19.23 -17.36
N LYS A 134 -18.17 -20.18 -18.16
CA LYS A 134 -17.66 -19.87 -19.49
C LYS A 134 -18.80 -19.39 -20.40
N SER A 135 -20.03 -19.71 -19.99
CA SER A 135 -21.20 -19.24 -20.71
C SER A 135 -21.59 -17.82 -20.26
N LYS A 136 -21.10 -17.43 -19.10
CA LYS A 136 -21.50 -16.20 -18.48
C LYS A 136 -20.50 -15.05 -18.65
N ILE A 137 -19.21 -15.34 -18.58
CA ILE A 137 -18.17 -14.32 -18.70
C ILE A 137 -17.77 -14.16 -20.15
N ILE A 138 -17.67 -12.91 -20.60
CA ILE A 138 -17.18 -12.59 -21.93
C ILE A 138 -16.07 -11.56 -21.87
N ASN A 139 -15.03 -11.75 -22.68
CA ASN A 139 -13.88 -10.85 -22.70
C ASN A 139 -13.79 -10.03 -24.00
N PRO A 140 -14.36 -8.83 -24.01
CA PRO A 140 -14.40 -7.96 -25.17
C PRO A 140 -13.06 -7.73 -25.84
N LEU A 141 -11.93 -7.91 -25.17
CA LEU A 141 -10.66 -7.65 -25.83
C LEU A 141 -10.20 -8.92 -26.48
N ALA A 142 -10.47 -10.05 -25.83
CA ALA A 142 -10.13 -11.34 -26.39
C ALA A 142 -10.93 -11.47 -27.65
N GLU A 143 -12.25 -11.52 -27.48
CA GLU A 143 -13.14 -11.95 -28.55
C GLU A 143 -13.25 -10.99 -29.73
N LYS A 144 -12.64 -9.81 -29.62
CA LYS A 144 -12.45 -8.95 -30.77
C LYS A 144 -11.41 -9.56 -31.69
N ASN A 145 -10.39 -10.17 -31.09
CA ASN A 145 -9.40 -10.91 -31.85
C ASN A 145 -9.82 -12.35 -32.10
N GLY A 146 -11.12 -12.61 -31.98
CA GLY A 146 -11.66 -13.93 -32.24
C GLY A 146 -11.04 -15.00 -31.36
N ILE A 147 -10.45 -14.56 -30.26
CA ILE A 147 -9.92 -15.49 -29.29
C ILE A 147 -11.01 -15.86 -28.30
N THR A 148 -11.33 -17.16 -28.22
CA THR A 148 -12.51 -17.61 -27.52
C THR A 148 -12.14 -18.35 -26.24
N TRP A 149 -13.15 -18.67 -25.44
CA TRP A 149 -12.96 -19.43 -24.19
C TRP A 149 -12.29 -20.81 -24.33
N ASN A 150 -12.50 -21.51 -25.42
CA ASN A 150 -11.95 -22.85 -25.53
C ASN A 150 -10.48 -22.85 -25.86
N ASP A 151 -9.90 -21.67 -25.91
CA ASP A 151 -8.52 -21.51 -26.33
C ASP A 151 -7.73 -21.66 -25.03
N GLY A 152 -8.42 -22.07 -23.97
CA GLY A 152 -7.79 -22.21 -22.66
C GLY A 152 -8.23 -21.10 -21.73
N GLU A 153 -8.44 -21.44 -20.47
CA GLU A 153 -8.79 -20.44 -19.46
C GLU A 153 -7.74 -19.33 -19.32
N GLU A 154 -6.47 -19.70 -19.09
CA GLU A 154 -5.42 -18.71 -18.84
C GLU A 154 -5.23 -17.73 -19.99
N VAL A 155 -5.56 -18.13 -21.19
CA VAL A 155 -5.20 -17.35 -22.37
C VAL A 155 -6.29 -16.34 -22.65
N TYR A 156 -7.53 -16.79 -22.44
CA TYR A 156 -8.68 -15.93 -22.60
C TYR A 156 -8.57 -14.85 -21.51
N LEU A 157 -8.38 -15.29 -20.28
CA LEU A 157 -8.30 -14.39 -19.16
C LEU A 157 -7.16 -13.42 -19.23
N SER A 158 -6.15 -13.75 -20.01
CA SER A 158 -4.93 -12.96 -20.04
C SER A 158 -5.11 -11.76 -20.94
N PHE A 159 -6.24 -11.70 -21.60
CA PHE A 159 -6.55 -10.53 -22.38
C PHE A 159 -7.07 -9.40 -21.51
N PHE A 160 -7.64 -9.75 -20.36
CA PHE A 160 -8.12 -8.74 -19.42
C PHE A 160 -6.98 -7.89 -18.89
N PRO A 161 -7.17 -6.60 -18.90
CA PRO A 161 -6.16 -5.69 -18.43
C PRO A 161 -5.84 -6.04 -17.03
N GLY A 162 -4.61 -5.88 -16.61
CA GLY A 162 -4.21 -6.22 -15.25
C GLY A 162 -3.80 -7.64 -14.96
N SER A 163 -4.08 -8.54 -15.89
CA SER A 163 -3.51 -9.89 -15.85
C SER A 163 -1.97 -9.92 -15.88
N GLU A 164 -1.35 -8.82 -16.28
CA GLU A 164 0.09 -8.72 -16.15
C GLU A 164 0.56 -8.52 -14.70
N MET A 165 -0.31 -8.30 -13.72
CA MET A 165 0.09 -8.36 -12.33
C MET A 165 0.33 -9.84 -11.94
N PHE A 166 -0.17 -10.76 -12.73
CA PHE A 166 -0.08 -12.14 -12.33
C PHE A 166 0.45 -13.05 -13.43
N LEU A 167 1.69 -12.80 -13.85
CA LEU A 167 2.34 -13.61 -14.89
C LEU A 167 2.54 -15.00 -14.29
N GLY A 168 2.68 -15.03 -12.96
CA GLY A 168 2.75 -16.26 -12.23
C GLY A 168 1.61 -17.20 -12.58
N THR A 169 0.41 -16.84 -12.19
CA THR A 169 -0.73 -17.70 -12.42
C THR A 169 -1.09 -17.75 -13.89
N PHE A 170 -0.91 -16.66 -14.62
CA PHE A 170 -1.32 -16.66 -16.04
C PHE A 170 -0.25 -17.16 -17.01
N ARG A 171 0.76 -17.82 -16.48
CA ARG A 171 1.65 -18.57 -17.33
C ARG A 171 2.28 -17.79 -18.51
N PHE A 172 2.55 -16.51 -18.24
CA PHE A 172 3.29 -15.60 -19.14
C PHE A 172 2.55 -15.50 -20.47
N TYR A 173 1.22 -15.50 -20.39
CA TYR A 173 0.37 -15.29 -21.55
C TYR A 173 0.19 -13.78 -21.68
N PRO A 174 -0.07 -13.06 -20.56
CA PRO A 174 -0.26 -11.62 -20.67
C PRO A 174 0.91 -10.96 -21.35
N LEU A 175 2.13 -11.44 -21.10
CA LEU A 175 3.31 -10.88 -21.72
C LEU A 175 3.43 -11.35 -23.17
N ALA A 176 3.07 -12.60 -23.43
CA ALA A 176 3.24 -13.18 -24.77
C ALA A 176 2.29 -12.54 -25.74
N ILE A 177 1.04 -12.41 -25.36
CA ILE A 177 0.10 -11.60 -26.10
C ILE A 177 0.74 -10.27 -26.40
N GLY A 178 1.28 -9.66 -25.35
CA GLY A 178 1.97 -8.38 -25.48
C GLY A 178 3.08 -8.33 -26.52
N ILE A 179 4.00 -9.28 -26.46
CA ILE A 179 5.03 -9.37 -27.48
C ILE A 179 4.37 -9.47 -28.87
N TYR A 180 3.60 -10.54 -29.06
CA TYR A 180 2.87 -10.81 -30.29
C TYR A 180 2.19 -9.59 -30.90
N LYS A 181 1.64 -8.72 -30.08
CA LYS A 181 1.00 -7.54 -30.64
C LYS A 181 2.06 -6.52 -31.09
N VAL A 182 3.02 -6.20 -30.22
CA VAL A 182 4.03 -5.20 -30.55
C VAL A 182 4.70 -5.68 -31.81
N GLN A 183 5.04 -6.95 -31.82
CA GLN A 183 5.63 -7.60 -32.97
C GLN A 183 4.83 -7.44 -34.28
N ARG A 184 3.63 -7.93 -34.34
CA ARG A 184 2.85 -7.89 -35.53
C ARG A 184 2.58 -6.46 -35.90
N LYS A 185 2.96 -5.54 -35.05
CA LYS A 185 2.65 -4.12 -35.15
C LYS A 185 1.24 -3.69 -34.68
N GLU A 186 0.47 -4.62 -34.12
CA GLU A 186 -0.86 -4.27 -33.65
C GLU A 186 -0.94 -3.46 -32.34
N MET A 187 0.19 -3.21 -31.68
CA MET A 187 0.25 -2.38 -30.49
C MET A 187 1.55 -1.64 -30.36
N GLU A 188 1.51 -0.36 -30.08
CA GLU A 188 2.70 0.39 -29.64
C GLU A 188 3.47 -0.33 -28.54
N PRO A 189 4.81 -0.19 -28.52
CA PRO A 189 5.61 -0.95 -27.55
C PRO A 189 5.75 -0.25 -26.17
N LYS A 190 5.11 0.91 -25.97
CA LYS A 190 5.13 1.61 -24.67
C LYS A 190 4.31 0.73 -23.81
N TYR A 191 3.31 0.10 -24.40
CA TYR A 191 2.32 -0.63 -23.62
C TYR A 191 2.87 -1.96 -23.14
N LEU A 192 4.18 -2.13 -23.25
CA LEU A 192 4.80 -3.34 -22.78
C LEU A 192 5.65 -3.09 -21.55
N GLU A 193 5.83 -1.83 -21.16
CA GLU A 193 6.80 -1.53 -20.08
C GLU A 193 6.39 -1.75 -18.64
N LYS A 194 5.13 -1.48 -18.31
CA LYS A 194 4.57 -1.81 -17.00
C LYS A 194 4.79 -3.26 -16.77
N THR A 195 4.56 -4.04 -17.82
CA THR A 195 4.64 -5.47 -17.75
C THR A 195 6.06 -5.97 -17.47
N MET A 196 7.07 -5.36 -18.09
CA MET A 196 8.43 -5.83 -17.88
C MET A 196 8.97 -5.45 -16.51
N ARG A 197 8.24 -4.66 -15.77
CA ARG A 197 8.64 -4.34 -14.40
C ARG A 197 8.12 -5.38 -13.41
N GLN A 198 7.41 -6.36 -13.91
CA GLN A 198 6.67 -7.27 -13.10
C GLN A 198 7.53 -8.34 -12.53
N ARG A 199 6.93 -9.39 -12.02
CA ARG A 199 7.63 -10.45 -11.32
C ARG A 199 7.01 -11.74 -11.72
N TYR A 200 7.74 -12.84 -11.56
CA TYR A 200 7.21 -14.11 -12.00
C TYR A 200 7.67 -15.14 -11.01
N MET A 201 6.68 -15.75 -10.35
CA MET A 201 6.88 -16.70 -9.26
C MET A 201 7.88 -16.14 -8.25
N GLY A 202 7.72 -14.88 -7.88
CA GLY A 202 8.49 -14.31 -6.80
C GLY A 202 9.81 -13.74 -7.26
N LEU A 203 10.07 -13.85 -8.55
CA LEU A 203 11.33 -13.43 -9.15
C LEU A 203 11.18 -12.08 -9.82
N GLU A 204 12.05 -11.13 -9.49
CA GLU A 204 12.08 -9.89 -10.27
C GLU A 204 12.54 -10.12 -11.70
N ALA A 205 12.09 -9.26 -12.60
CA ALA A 205 12.37 -9.39 -14.02
C ALA A 205 13.81 -9.28 -14.40
N ALA A 206 14.67 -8.76 -13.55
CA ALA A 206 16.08 -8.82 -13.91
C ALA A 206 16.58 -10.25 -13.79
N THR A 207 15.74 -11.12 -13.25
CA THR A 207 16.06 -12.52 -13.14
C THR A 207 15.17 -13.38 -14.01
N TRP A 208 13.86 -13.14 -14.03
CA TRP A 208 13.01 -13.99 -14.85
C TRP A 208 13.32 -13.83 -16.34
N THR A 209 13.72 -12.62 -16.74
CA THR A 209 14.13 -12.34 -18.11
C THR A 209 15.30 -13.25 -18.50
N VAL A 210 16.34 -13.31 -17.67
CA VAL A 210 17.46 -14.21 -17.92
C VAL A 210 17.03 -15.64 -17.87
N SER A 211 16.43 -16.03 -16.76
CA SER A 211 16.32 -17.44 -16.44
C SER A 211 15.00 -18.13 -16.80
N LYS A 212 14.08 -17.40 -17.37
CA LYS A 212 12.79 -17.91 -17.79
C LYS A 212 12.43 -17.71 -19.25
N LEU A 213 13.38 -17.38 -20.08
CA LEU A 213 13.10 -16.90 -21.39
C LEU A 213 12.34 -17.94 -22.13
N THR A 214 12.42 -19.19 -21.73
CA THR A 214 11.67 -20.13 -22.52
C THR A 214 10.22 -19.97 -22.32
N GLU A 215 9.77 -20.03 -21.09
CA GLU A 215 8.33 -20.13 -20.97
C GLU A 215 7.79 -18.98 -21.73
N VAL A 216 8.42 -17.87 -21.50
CA VAL A 216 8.02 -16.75 -22.32
C VAL A 216 8.01 -17.13 -23.80
N GLN A 217 9.16 -17.58 -24.30
CA GLN A 217 9.32 -18.00 -25.70
C GLN A 217 8.31 -19.10 -26.03
N SER A 218 7.84 -19.77 -25.00
CA SER A 218 7.02 -20.92 -25.23
C SER A 218 5.61 -20.45 -25.35
N ALA A 219 5.28 -19.41 -24.58
CA ALA A 219 3.90 -18.92 -24.53
C ALA A 219 3.60 -18.11 -25.77
N LEU A 220 4.59 -17.34 -26.21
CA LEU A 220 4.47 -16.69 -27.51
C LEU A 220 4.08 -17.68 -28.60
N THR A 221 4.64 -18.90 -28.58
CA THR A 221 4.29 -19.91 -29.61
C THR A 221 2.79 -20.22 -29.65
N VAL A 222 2.25 -20.63 -28.50
CA VAL A 222 0.81 -20.87 -28.31
C VAL A 222 -0.01 -19.68 -28.83
N VAL A 223 0.32 -18.50 -28.35
CA VAL A 223 -0.35 -17.26 -28.74
C VAL A 223 -0.28 -17.03 -30.26
N SER A 224 0.91 -17.19 -30.86
CA SER A 224 1.14 -17.15 -32.33
C SER A 224 0.22 -18.10 -33.12
N SER A 225 -0.03 -19.27 -32.54
CA SER A 225 -0.87 -20.28 -33.14
C SER A 225 -2.36 -19.92 -33.22
N LEU A 226 -2.78 -18.83 -32.63
CA LEU A 226 -4.21 -18.62 -32.52
C LEU A 226 -4.79 -17.89 -33.73
N GLY A 227 -6.12 -17.96 -33.82
CA GLY A 227 -6.94 -17.27 -34.82
C GLY A 227 -6.54 -15.87 -35.18
N TRP A 228 -6.74 -14.94 -34.27
CA TRP A 228 -6.24 -13.58 -34.43
C TRP A 228 -6.78 -12.89 -35.65
N LYS A 229 -7.95 -13.32 -36.10
CA LYS A 229 -8.59 -12.62 -37.19
C LYS A 229 -9.21 -11.39 -36.57
N LYS A 230 -8.89 -10.19 -37.06
CA LYS A 230 -9.53 -9.01 -36.49
C LYS A 230 -10.99 -8.90 -36.95
N THR A 231 -11.90 -8.85 -35.99
CA THR A 231 -13.33 -8.88 -36.31
C THR A 231 -13.97 -7.50 -36.45
N ASN A 232 -13.33 -6.63 -37.22
CA ASN A 232 -13.89 -5.35 -37.66
C ASN A 232 -15.04 -5.60 -38.62
N VAL A 233 -14.96 -6.72 -39.32
CA VAL A 233 -15.96 -7.05 -40.30
C VAL A 233 -16.06 -8.56 -40.36
N SER A 234 -17.19 -9.04 -40.85
CA SER A 234 -17.45 -10.47 -40.93
C SER A 234 -16.41 -11.22 -41.77
N ALA A 235 -16.25 -12.51 -41.50
CA ALA A 235 -15.38 -13.39 -42.29
C ALA A 235 -15.76 -13.46 -43.80
N ALA A 236 -17.05 -13.44 -44.07
CA ALA A 236 -17.55 -13.47 -45.41
C ALA A 236 -17.36 -12.14 -46.13
N ALA A 237 -17.27 -11.05 -45.38
CA ALA A 237 -17.13 -9.75 -46.02
C ALA A 237 -15.67 -9.46 -46.24
N ARG A 238 -14.81 -10.13 -45.47
CA ARG A 238 -13.37 -10.02 -45.65
C ARG A 238 -12.96 -10.59 -47.01
N ASP A 239 -13.27 -11.86 -47.24
CA ASP A 239 -12.91 -12.53 -48.49
C ASP A 239 -13.53 -11.81 -49.68
N PHE A 240 -14.84 -11.58 -49.61
CA PHE A 240 -15.51 -10.77 -50.62
C PHE A 240 -14.70 -9.53 -50.94
N LEU A 241 -14.41 -8.73 -49.92
CA LEU A 241 -13.77 -7.44 -50.16
C LEU A 241 -12.38 -7.65 -50.75
N ALA A 242 -11.68 -8.69 -50.30
CA ALA A 242 -10.32 -8.95 -50.82
C ALA A 242 -10.32 -9.20 -52.33
N LYS A 243 -11.31 -9.93 -52.82
CA LYS A 243 -11.50 -10.08 -54.25
C LYS A 243 -11.60 -8.74 -54.98
N PHE A 244 -11.59 -7.64 -54.23
CA PHE A 244 -11.64 -6.32 -54.86
C PHE A 244 -10.37 -5.51 -54.64
N GLY A 245 -9.51 -5.98 -53.75
CA GLY A 245 -8.31 -5.24 -53.42
C GLY A 245 -8.31 -4.93 -51.95
N ILE A 246 -9.48 -4.63 -51.42
CA ILE A 246 -9.59 -4.19 -50.03
C ILE A 246 -9.40 -5.34 -49.05
N ASN A 247 -8.34 -5.28 -48.27
CA ASN A 247 -8.16 -6.26 -47.20
C ASN A 247 -8.67 -5.70 -45.88
N MET A 248 -9.22 -4.50 -45.94
CA MET A 248 -9.46 -3.70 -44.76
C MET A 248 -8.09 -3.32 -44.23
N ILE B 17 78.02 -36.00 -7.29
CA ILE B 17 77.54 -36.92 -8.32
C ILE B 17 76.69 -36.29 -9.42
N GLU B 18 75.43 -35.90 -9.14
CA GLU B 18 74.64 -35.16 -10.13
C GLU B 18 74.92 -33.66 -10.04
N LEU B 19 74.44 -32.89 -11.02
CA LEU B 19 74.59 -31.42 -11.01
C LEU B 19 73.34 -30.73 -11.54
N GLU B 20 72.97 -29.61 -10.90
CA GLU B 20 71.73 -28.95 -11.30
C GLU B 20 71.89 -27.52 -11.83
N PHE B 21 70.93 -27.13 -12.68
CA PHE B 21 70.96 -25.79 -13.26
C PHE B 21 69.60 -25.09 -13.05
N HIS B 22 69.64 -23.86 -12.51
CA HIS B 22 68.45 -23.02 -12.41
C HIS B 22 68.78 -21.56 -12.80
N ASP B 23 67.84 -20.83 -13.43
CA ASP B 23 68.11 -19.47 -13.98
C ASP B 23 67.12 -18.37 -13.58
N VAL B 24 67.58 -17.12 -13.58
CA VAL B 24 66.76 -15.96 -13.17
C VAL B 24 65.46 -15.83 -13.95
N ALA B 25 64.34 -15.74 -13.23
CA ALA B 25 63.04 -15.59 -13.85
C ALA B 25 62.69 -14.11 -14.03
N ALA B 26 62.70 -13.58 -15.23
CA ALA B 26 62.50 -12.14 -15.35
C ALA B 26 61.21 -11.72 -14.68
N ASN B 27 61.21 -10.50 -14.17
CA ASN B 27 60.18 -9.98 -13.27
C ASN B 27 58.74 -9.87 -13.73
N THR B 28 58.52 -9.46 -14.97
CA THR B 28 57.27 -8.83 -15.36
C THR B 28 56.09 -9.73 -15.69
N SER B 29 55.05 -9.09 -16.22
CA SER B 29 53.87 -9.71 -16.81
C SER B 29 54.16 -10.37 -18.15
N SER B 30 53.33 -11.33 -18.53
CA SER B 30 53.51 -12.05 -19.80
C SER B 30 52.28 -11.85 -20.70
N THR B 31 52.46 -11.04 -21.74
CA THR B 31 51.37 -10.55 -22.58
C THR B 31 50.42 -11.63 -23.12
N PHE B 32 49.11 -11.44 -22.92
CA PHE B 32 48.04 -12.38 -23.34
C PHE B 32 46.65 -11.75 -23.52
N ASP B 33 46.33 -11.19 -24.68
CA ASP B 33 45.00 -10.64 -24.90
C ASP B 33 44.13 -11.78 -25.40
N PRO B 34 43.26 -12.31 -24.54
CA PRO B 34 42.36 -13.39 -24.89
C PRO B 34 41.42 -12.99 -26.03
N GLU B 35 41.05 -11.71 -26.08
CA GLU B 35 40.12 -11.24 -27.08
C GLU B 35 40.71 -11.34 -28.47
N VAL B 36 42.04 -11.45 -28.55
CA VAL B 36 42.73 -11.71 -29.81
C VAL B 36 42.97 -13.20 -29.98
N ALA B 37 43.68 -13.82 -29.04
CA ALA B 37 43.86 -15.27 -29.01
C ALA B 37 42.60 -16.07 -29.42
N TYR B 38 41.42 -15.57 -29.04
CA TYR B 38 40.16 -16.15 -29.52
C TYR B 38 39.95 -15.90 -31.03
N ALA B 39 40.03 -14.62 -31.45
CA ALA B 39 39.99 -14.31 -32.87
C ALA B 39 40.94 -15.27 -33.61
N ASN B 40 42.16 -15.36 -33.08
CA ASN B 40 43.16 -16.31 -33.55
C ASN B 40 42.64 -17.75 -33.68
N PHE B 41 42.33 -18.42 -32.57
CA PHE B 41 41.61 -19.71 -32.58
C PHE B 41 40.55 -19.74 -33.67
N LYS B 42 39.67 -18.74 -33.63
CA LYS B 42 38.52 -18.77 -34.49
C LYS B 42 38.97 -18.64 -35.95
N ARG B 43 40.03 -17.87 -36.20
CA ARG B 43 40.56 -17.69 -37.55
C ARG B 43 41.42 -18.86 -38.09
N VAL B 44 42.27 -19.46 -37.26
CA VAL B 44 43.15 -20.52 -37.71
C VAL B 44 42.76 -21.93 -37.28
N HIS B 45 41.66 -22.03 -36.54
CA HIS B 45 41.26 -23.30 -35.97
C HIS B 45 39.85 -23.72 -36.10
N THR B 46 39.00 -22.84 -36.55
CA THR B 46 37.58 -23.11 -36.52
C THR B 46 37.15 -23.01 -37.94
N THR B 47 37.44 -24.03 -38.72
CA THR B 47 37.18 -23.95 -40.14
C THR B 47 36.19 -24.98 -40.62
N GLY B 48 36.33 -26.18 -40.11
CA GLY B 48 35.35 -27.22 -40.34
C GLY B 48 35.14 -27.88 -39.01
N LEU B 49 34.64 -27.08 -38.08
CA LEU B 49 34.34 -27.52 -36.73
C LEU B 49 32.85 -27.81 -36.69
N SER B 50 32.49 -29.02 -36.28
CA SER B 50 31.09 -29.39 -36.19
C SER B 50 30.63 -29.35 -34.76
N TYR B 51 29.34 -29.09 -34.57
CA TYR B 51 28.71 -29.16 -33.26
C TYR B 51 28.99 -30.52 -32.68
N ASP B 52 29.06 -31.53 -33.53
CA ASP B 52 29.29 -32.87 -33.04
C ASP B 52 30.68 -32.97 -32.44
N HIS B 53 31.68 -32.52 -33.20
CA HIS B 53 33.04 -32.41 -32.69
C HIS B 53 33.01 -31.65 -31.36
N ILE B 54 32.53 -30.41 -31.40
CA ILE B 54 32.51 -29.52 -30.22
C ILE B 54 31.86 -30.14 -28.94
N ARG B 55 30.74 -30.85 -29.11
CA ARG B 55 30.12 -31.63 -28.05
C ARG B 55 31.16 -32.52 -27.38
N ILE B 56 31.83 -33.34 -28.20
CA ILE B 56 32.76 -34.36 -27.73
C ILE B 56 33.71 -33.82 -26.71
N PHE B 57 34.29 -32.69 -27.05
CA PHE B 57 35.30 -32.12 -26.21
C PHE B 57 34.78 -32.03 -24.81
N TYR B 58 33.54 -31.53 -24.70
CA TYR B 58 32.94 -31.20 -23.43
C TYR B 58 32.46 -32.41 -22.65
N ILE B 59 31.75 -33.29 -23.35
CA ILE B 59 31.04 -34.41 -22.74
C ILE B 59 31.98 -35.51 -22.32
N LYS B 60 33.25 -35.36 -22.66
CA LYS B 60 34.28 -36.39 -22.40
C LYS B 60 35.45 -35.88 -21.56
N GLY B 61 35.62 -34.56 -21.53
CA GLY B 61 36.79 -33.90 -20.94
C GLY B 61 37.24 -34.27 -19.54
N ARG B 62 36.48 -35.09 -18.82
CA ARG B 62 36.98 -35.57 -17.52
C ARG B 62 37.93 -36.73 -17.81
N GLU B 63 37.56 -37.59 -18.76
CA GLU B 63 38.50 -38.55 -19.32
C GLU B 63 39.64 -37.72 -19.86
N ILE B 64 39.37 -36.91 -20.89
CA ILE B 64 40.40 -36.11 -21.57
C ILE B 64 41.36 -35.44 -20.60
N LYS B 65 40.83 -34.89 -19.50
CA LYS B 65 41.69 -34.34 -18.46
C LYS B 65 42.58 -35.44 -17.89
N THR B 66 41.99 -36.48 -17.31
CA THR B 66 42.81 -37.52 -16.70
C THR B 66 43.73 -38.23 -17.72
N SER B 67 43.20 -38.55 -18.89
CA SER B 67 43.99 -39.19 -19.96
C SER B 67 45.19 -38.34 -20.32
N LEU B 68 44.92 -37.09 -20.71
CA LEU B 68 45.97 -36.15 -21.06
C LEU B 68 46.86 -35.76 -19.87
N ALA B 69 46.48 -36.20 -18.68
CA ALA B 69 47.28 -35.91 -17.49
C ALA B 69 48.27 -37.02 -17.21
N LYS B 70 48.00 -38.24 -17.70
CA LYS B 70 48.91 -39.37 -17.51
C LYS B 70 50.10 -39.23 -18.46
N ARG B 71 49.78 -39.26 -19.74
CA ARG B 71 50.80 -39.18 -20.74
C ARG B 71 51.39 -37.85 -20.53
N SER B 72 52.63 -37.82 -20.09
CA SER B 72 53.38 -36.58 -20.06
C SER B 72 54.31 -36.20 -21.23
N GLU B 73 53.78 -35.89 -22.40
CA GLU B 73 54.53 -35.16 -23.41
C GLU B 73 53.97 -33.73 -23.64
N TRP B 74 54.82 -32.75 -23.77
CA TRP B 74 54.43 -31.36 -23.65
C TRP B 74 53.76 -30.81 -24.87
N GLU B 75 53.49 -31.67 -25.83
CA GLU B 75 52.61 -31.28 -26.92
C GLU B 75 51.70 -32.43 -27.28
N VAL B 76 50.41 -32.18 -27.37
CA VAL B 76 49.50 -33.26 -27.71
C VAL B 76 48.36 -32.78 -28.58
N THR B 77 47.76 -33.70 -29.32
CA THR B 77 46.79 -33.33 -30.33
C THR B 77 45.72 -34.41 -30.18
N LEU B 78 44.46 -34.07 -30.47
CA LEU B 78 43.43 -35.12 -30.38
C LEU B 78 42.28 -35.00 -31.38
N ASN B 79 41.81 -36.16 -31.81
CA ASN B 79 40.81 -36.24 -32.87
C ASN B 79 39.42 -36.26 -32.28
N LEU B 80 38.80 -35.08 -32.14
CA LEU B 80 37.48 -35.02 -31.52
C LEU B 80 36.43 -35.49 -32.52
N GLY B 81 36.45 -36.77 -32.83
CA GLY B 81 35.45 -37.33 -33.71
C GLY B 81 35.19 -36.75 -35.09
N GLY B 82 36.19 -36.50 -35.92
CA GLY B 82 37.57 -36.45 -35.55
C GLY B 82 37.91 -35.13 -36.13
N TRP B 83 38.11 -34.17 -35.25
CA TRP B 83 38.46 -32.86 -35.61
C TRP B 83 39.70 -33.05 -34.90
N LYS B 84 40.79 -32.50 -35.40
CA LYS B 84 42.03 -32.71 -34.74
C LYS B 84 42.49 -31.37 -34.31
N ILE B 85 42.75 -31.24 -33.02
CA ILE B 85 43.20 -29.98 -32.47
C ILE B 85 44.21 -30.23 -31.37
N THR B 86 45.24 -29.43 -31.37
CA THR B 86 46.47 -29.69 -30.62
C THR B 86 46.77 -28.64 -29.58
N VAL B 87 46.89 -29.12 -28.34
CA VAL B 87 47.06 -28.29 -27.16
C VAL B 87 48.42 -28.62 -26.56
N TYR B 88 49.07 -27.63 -25.96
CA TYR B 88 50.26 -27.94 -25.16
C TYR B 88 49.77 -28.53 -23.85
N ASN B 89 50.34 -29.66 -23.43
CA ASN B 89 49.87 -30.38 -22.23
C ASN B 89 50.36 -29.84 -20.88
N THR B 90 49.96 -28.62 -20.55
CA THR B 90 50.25 -28.09 -19.23
C THR B 90 49.34 -28.77 -18.23
N ASN B 91 48.42 -29.56 -18.73
CA ASN B 91 47.52 -30.38 -17.93
C ASN B 91 48.24 -31.57 -17.24
N PHE B 92 49.49 -31.81 -17.61
CA PHE B 92 50.23 -32.97 -17.06
C PHE B 92 51.08 -32.54 -15.88
N PRO B 93 51.44 -33.49 -15.00
CA PRO B 93 52.37 -33.25 -13.88
C PRO B 93 53.62 -32.44 -14.23
N GLY B 94 53.96 -32.30 -15.51
CA GLY B 94 55.11 -31.50 -15.91
C GLY B 94 54.74 -30.09 -16.34
N ASN B 95 53.77 -29.51 -15.62
CA ASN B 95 53.13 -28.23 -15.96
C ASN B 95 53.99 -27.07 -15.51
N ARG B 96 53.47 -25.88 -15.70
CA ARG B 96 54.13 -24.70 -15.21
C ARG B 96 55.41 -24.47 -15.98
N ASN B 97 55.52 -25.17 -17.08
CA ASN B 97 56.44 -24.89 -18.14
C ASN B 97 55.87 -25.27 -19.46
N SER B 98 55.88 -24.35 -20.40
CA SER B 98 55.61 -22.98 -20.17
C SER B 98 54.57 -22.77 -21.25
N PRO B 99 53.29 -22.37 -20.83
CA PRO B 99 52.32 -22.29 -21.93
C PRO B 99 52.60 -21.10 -22.79
N VAL B 100 52.35 -21.20 -24.08
CA VAL B 100 52.73 -20.11 -24.94
C VAL B 100 51.78 -19.03 -24.57
N PRO B 101 52.38 -17.83 -24.19
CA PRO B 101 51.42 -16.88 -23.63
C PRO B 101 50.34 -16.54 -24.58
N ASP B 102 50.61 -16.43 -25.86
CA ASP B 102 49.54 -16.04 -26.75
C ASP B 102 49.18 -16.99 -27.89
N ASP B 103 50.15 -17.74 -28.41
CA ASP B 103 49.88 -18.54 -29.59
C ASP B 103 49.12 -19.73 -29.22
N GLY B 104 49.56 -20.31 -28.13
CA GLY B 104 49.14 -21.63 -27.73
C GLY B 104 47.80 -21.72 -27.08
N LEU B 105 47.33 -22.94 -26.96
CA LEU B 105 46.11 -23.13 -26.28
C LEU B 105 46.35 -24.33 -25.45
N THR B 106 45.57 -24.48 -24.42
CA THR B 106 45.59 -25.61 -23.54
C THR B 106 44.14 -25.88 -23.40
N LEU B 107 43.76 -26.95 -22.77
CA LEU B 107 42.36 -27.27 -22.80
C LEU B 107 41.55 -26.20 -22.14
N HIS B 108 42.05 -25.68 -21.05
CA HIS B 108 41.34 -24.67 -20.34
C HIS B 108 41.00 -23.60 -21.30
N ARG B 109 41.95 -23.21 -22.13
CA ARG B 109 41.70 -22.15 -23.07
C ARG B 109 40.65 -22.57 -24.04
N LEU B 110 40.80 -23.78 -24.54
CA LEU B 110 39.97 -24.40 -25.54
C LEU B 110 38.52 -24.53 -25.06
N SER B 111 38.35 -24.93 -23.80
CA SER B 111 37.03 -24.94 -23.17
C SER B 111 36.41 -23.54 -23.12
N GLY B 112 37.22 -22.53 -22.89
CA GLY B 112 36.75 -21.17 -22.85
C GLY B 112 36.45 -20.64 -24.23
N PHE B 113 37.36 -20.91 -25.17
CA PHE B 113 37.14 -20.57 -26.59
C PHE B 113 35.93 -21.29 -27.18
N LEU B 114 35.85 -22.61 -27.01
CA LEU B 114 34.69 -23.31 -27.51
C LEU B 114 33.41 -22.77 -26.89
N ALA B 115 33.45 -22.47 -25.59
CA ALA B 115 32.29 -21.84 -24.92
C ALA B 115 31.93 -20.50 -25.58
N ARG B 116 32.89 -19.58 -25.68
CA ARG B 116 32.64 -18.28 -26.30
C ARG B 116 32.19 -18.50 -27.71
N TYR B 117 32.73 -19.55 -28.31
CA TYR B 117 32.43 -19.85 -29.70
C TYR B 117 30.98 -20.18 -29.79
N LEU B 118 30.57 -21.09 -28.92
CA LEU B 118 29.20 -21.59 -28.85
C LEU B 118 28.15 -20.48 -28.65
N LEU B 119 28.50 -19.50 -27.84
CA LEU B 119 27.60 -18.41 -27.56
C LEU B 119 27.41 -17.59 -28.81
N GLU B 120 28.50 -17.36 -29.54
CA GLU B 120 28.47 -16.59 -30.80
C GLU B 120 27.56 -17.24 -31.87
N LYS B 121 27.74 -18.53 -32.08
CA LYS B 121 26.86 -19.30 -32.94
C LYS B 121 25.42 -19.03 -32.57
N MET B 122 25.12 -19.07 -31.29
CA MET B 122 23.72 -19.06 -30.86
C MET B 122 23.01 -17.73 -30.96
N LEU B 123 23.75 -16.64 -31.04
CA LEU B 123 23.12 -15.35 -31.22
C LEU B 123 22.82 -15.05 -32.70
N LYS B 124 23.65 -15.56 -33.62
CA LYS B 124 23.48 -15.32 -35.06
C LYS B 124 22.75 -16.44 -35.84
N VAL B 125 22.88 -17.65 -35.34
CA VAL B 125 22.25 -18.82 -35.91
C VAL B 125 20.74 -18.81 -35.72
N SER B 126 20.03 -19.62 -36.49
CA SER B 126 18.56 -19.61 -36.55
C SER B 126 17.92 -20.48 -35.46
N GLU B 127 16.73 -20.08 -35.03
CA GLU B 127 16.00 -20.70 -33.90
C GLU B 127 15.80 -22.23 -33.94
N PRO B 128 15.78 -22.83 -35.14
CA PRO B 128 15.78 -24.29 -35.19
C PRO B 128 17.17 -24.88 -34.94
N GLU B 129 18.20 -24.21 -35.45
CA GLU B 129 19.57 -24.66 -35.21
C GLU B 129 20.03 -24.35 -33.77
N LYS B 130 19.27 -23.51 -33.06
CA LYS B 130 19.48 -23.33 -31.62
C LYS B 130 19.04 -24.59 -30.89
N LEU B 131 18.14 -25.33 -31.53
CA LEU B 131 17.62 -26.56 -30.94
C LEU B 131 18.61 -27.69 -31.15
N ILE B 132 19.34 -27.62 -32.24
CA ILE B 132 20.26 -28.70 -32.53
C ILE B 132 21.47 -28.59 -31.61
N ILE B 133 21.85 -27.35 -31.31
CA ILE B 133 22.89 -27.10 -30.35
C ILE B 133 22.50 -27.56 -28.94
N LYS B 134 21.37 -27.07 -28.42
CA LYS B 134 20.97 -27.42 -27.04
C LYS B 134 20.81 -28.90 -26.89
N SER B 135 20.52 -29.58 -28.00
CA SER B 135 20.26 -31.02 -28.02
C SER B 135 21.55 -31.81 -27.96
N LYS B 136 22.57 -31.27 -28.62
CA LYS B 136 23.88 -31.91 -28.74
C LYS B 136 24.82 -31.58 -27.59
N ILE B 137 24.97 -30.29 -27.29
CA ILE B 137 25.89 -29.82 -26.23
C ILE B 137 25.44 -30.09 -24.78
N ILE B 138 26.30 -30.73 -24.01
CA ILE B 138 25.99 -31.06 -22.63
C ILE B 138 27.14 -30.59 -21.74
N ASN B 139 26.82 -29.86 -20.71
CA ASN B 139 27.82 -29.34 -19.86
C ASN B 139 27.61 -30.08 -18.59
N PRO B 140 28.41 -31.08 -18.35
CA PRO B 140 28.24 -31.91 -17.15
C PRO B 140 28.44 -31.18 -15.82
N LEU B 141 29.20 -30.08 -15.83
CA LEU B 141 29.36 -29.30 -14.60
C LEU B 141 28.02 -28.69 -14.18
N ALA B 142 27.49 -27.78 -14.99
CA ALA B 142 26.17 -27.20 -14.76
C ALA B 142 25.08 -28.24 -14.53
N GLU B 143 25.08 -29.32 -15.32
CA GLU B 143 23.96 -30.29 -15.34
C GLU B 143 23.87 -31.11 -14.07
N LYS B 144 25.00 -31.35 -13.43
CA LYS B 144 24.99 -32.08 -12.18
C LYS B 144 24.55 -31.14 -11.05
N ASN B 145 24.89 -29.86 -11.16
CA ASN B 145 24.27 -28.85 -10.31
C ASN B 145 22.82 -28.56 -10.73
N GLY B 146 22.33 -29.34 -11.68
CA GLY B 146 20.95 -29.24 -12.14
C GLY B 146 20.63 -27.96 -12.86
N ILE B 147 21.64 -27.37 -13.49
CA ILE B 147 21.46 -26.18 -14.28
C ILE B 147 21.45 -26.57 -15.73
N THR B 148 20.41 -26.19 -16.45
CA THR B 148 20.31 -26.60 -17.85
C THR B 148 20.24 -25.41 -18.82
N TRP B 149 20.29 -25.72 -20.12
CA TRP B 149 20.23 -24.68 -21.13
C TRP B 149 19.08 -23.73 -20.87
N ASN B 150 18.03 -24.25 -20.25
CA ASN B 150 16.86 -23.46 -20.01
C ASN B 150 17.22 -22.24 -19.15
N ASP B 151 18.09 -22.43 -18.15
CA ASP B 151 18.51 -21.33 -17.26
C ASP B 151 19.20 -20.17 -17.98
N GLY B 152 19.56 -20.38 -19.24
CA GLY B 152 19.98 -19.31 -20.11
C GLY B 152 21.32 -19.60 -20.73
N GLU B 153 21.48 -19.22 -22.00
CA GLU B 153 22.71 -19.43 -22.79
C GLU B 153 23.99 -19.08 -22.08
N GLU B 154 24.21 -17.80 -21.88
CA GLU B 154 25.34 -17.31 -21.09
C GLU B 154 25.55 -18.04 -19.75
N VAL B 155 24.48 -18.30 -19.00
CA VAL B 155 24.61 -18.94 -17.69
C VAL B 155 24.92 -20.45 -17.76
N TYR B 156 24.47 -21.09 -18.83
CA TYR B 156 24.80 -22.49 -19.03
C TYR B 156 26.24 -22.67 -19.47
N LEU B 157 26.75 -21.71 -20.23
CA LEU B 157 28.08 -21.80 -20.80
C LEU B 157 29.18 -21.38 -19.85
N SER B 158 28.81 -20.81 -18.71
CA SER B 158 29.83 -20.29 -17.79
C SER B 158 30.26 -21.36 -16.80
N PHE B 159 29.48 -22.41 -16.68
CA PHE B 159 29.90 -23.60 -15.99
C PHE B 159 31.01 -24.29 -16.78
N PHE B 160 31.16 -23.96 -18.06
CA PHE B 160 32.32 -24.43 -18.82
C PHE B 160 33.59 -23.69 -18.39
N PRO B 161 34.61 -24.44 -17.97
CA PRO B 161 35.88 -23.91 -17.45
C PRO B 161 36.55 -22.92 -18.39
N GLY B 162 37.23 -21.93 -17.84
CA GLY B 162 37.96 -21.00 -18.67
C GLY B 162 37.09 -20.00 -19.39
N SER B 163 35.78 -20.11 -19.22
CA SER B 163 34.88 -19.07 -19.71
C SER B 163 35.16 -17.72 -19.04
N GLU B 164 35.65 -17.76 -17.81
CA GLU B 164 35.91 -16.53 -17.08
C GLU B 164 36.93 -15.65 -17.76
N MET B 165 37.51 -16.16 -18.85
CA MET B 165 38.40 -15.38 -19.70
C MET B 165 37.58 -14.34 -20.42
N PHE B 166 36.26 -14.51 -20.39
CA PHE B 166 35.32 -13.65 -21.11
C PHE B 166 34.18 -13.19 -20.22
N LEU B 167 34.52 -12.54 -19.11
CA LEU B 167 33.54 -12.06 -18.13
C LEU B 167 32.64 -11.04 -18.77
N GLY B 168 33.13 -10.34 -19.78
CA GLY B 168 32.26 -9.50 -20.56
C GLY B 168 31.28 -10.11 -21.51
N THR B 169 31.67 -10.99 -22.40
CA THR B 169 30.71 -11.67 -23.25
C THR B 169 29.80 -12.57 -22.46
N PHE B 170 30.31 -13.13 -21.37
CA PHE B 170 29.47 -13.94 -20.47
C PHE B 170 28.85 -13.19 -19.27
N ARG B 171 28.99 -11.87 -19.28
CA ARG B 171 28.20 -11.00 -18.43
C ARG B 171 28.34 -11.29 -16.94
N PHE B 172 29.54 -11.70 -16.57
CA PHE B 172 29.94 -11.96 -15.21
C PHE B 172 29.41 -13.21 -14.59
N TYR B 173 28.57 -13.92 -15.27
CA TYR B 173 28.11 -15.20 -14.76
C TYR B 173 29.17 -16.16 -14.21
N PRO B 174 30.36 -16.30 -14.88
CA PRO B 174 31.45 -17.13 -14.34
C PRO B 174 31.88 -16.73 -12.92
N LEU B 175 32.02 -15.43 -12.68
CA LEU B 175 32.40 -14.94 -11.38
C LEU B 175 31.27 -15.21 -10.38
N ALA B 176 30.06 -15.07 -10.87
CA ALA B 176 28.86 -15.24 -10.07
C ALA B 176 28.64 -16.69 -9.57
N ILE B 177 28.90 -17.69 -10.41
CA ILE B 177 28.83 -19.09 -9.98
C ILE B 177 30.08 -19.38 -9.20
N GLY B 178 31.02 -18.47 -9.21
CA GLY B 178 32.19 -18.74 -8.41
C GLY B 178 31.94 -18.30 -7.01
N ILE B 179 31.72 -17.02 -6.82
CA ILE B 179 31.18 -16.58 -5.56
C ILE B 179 30.10 -17.52 -4.96
N TYR B 180 28.98 -17.67 -5.63
CA TYR B 180 27.92 -18.53 -5.12
C TYR B 180 28.43 -19.87 -4.64
N LYS B 181 29.33 -20.50 -5.39
CA LYS B 181 29.87 -21.80 -4.96
C LYS B 181 30.67 -21.64 -3.66
N VAL B 182 31.32 -20.49 -3.52
CA VAL B 182 32.20 -20.23 -2.38
C VAL B 182 31.45 -19.91 -1.10
N GLN B 183 30.42 -19.09 -1.23
CA GLN B 183 29.49 -18.79 -0.13
C GLN B 183 28.89 -20.07 0.35
N ARG B 184 28.14 -20.75 -0.50
CA ARG B 184 27.68 -22.06 -0.14
C ARG B 184 28.83 -23.02 0.31
N LYS B 185 30.06 -22.52 0.29
CA LYS B 185 31.28 -23.24 0.76
C LYS B 185 31.62 -24.62 0.10
N GLU B 186 31.14 -24.78 -1.13
CA GLU B 186 31.31 -25.97 -1.94
C GLU B 186 32.51 -25.84 -2.88
N MET B 187 33.18 -24.70 -2.85
CA MET B 187 34.38 -24.48 -3.62
C MET B 187 35.34 -23.50 -2.92
N GLU B 188 36.58 -23.91 -2.73
CA GLU B 188 37.55 -23.13 -1.96
C GLU B 188 37.86 -21.77 -2.60
N PRO B 189 38.14 -20.75 -1.78
CA PRO B 189 38.33 -19.39 -2.31
C PRO B 189 39.46 -19.27 -3.30
N LYS B 190 40.30 -20.30 -3.45
CA LYS B 190 41.49 -20.19 -4.33
C LYS B 190 41.15 -20.26 -5.83
N TYR B 191 40.15 -21.07 -6.19
CA TYR B 191 39.71 -21.14 -7.57
C TYR B 191 39.06 -19.83 -8.03
N LEU B 192 39.18 -18.79 -7.20
CA LEU B 192 38.51 -17.53 -7.44
C LEU B 192 39.49 -16.49 -7.91
N GLU B 193 40.71 -16.59 -7.38
CA GLU B 193 41.73 -15.60 -7.68
C GLU B 193 42.07 -15.61 -9.17
N LYS B 194 42.08 -16.82 -9.76
CA LYS B 194 42.28 -16.97 -11.19
C LYS B 194 41.38 -16.00 -11.95
N THR B 195 40.09 -16.16 -11.71
CA THR B 195 39.03 -15.50 -12.44
C THR B 195 39.03 -14.01 -12.10
N MET B 196 39.57 -13.68 -10.94
CA MET B 196 39.41 -12.32 -10.42
C MET B 196 40.34 -11.29 -11.01
N ARG B 197 41.06 -11.68 -12.04
CA ARG B 197 42.11 -10.82 -12.61
C ARG B 197 41.77 -10.36 -14.04
N GLN B 198 40.77 -10.99 -14.63
CA GLN B 198 40.46 -10.78 -16.02
C GLN B 198 39.90 -9.41 -16.20
N ARG B 199 39.96 -8.92 -17.43
CA ARG B 199 39.35 -7.64 -17.71
C ARG B 199 37.88 -7.91 -17.88
N TYR B 200 37.08 -6.86 -17.76
CA TYR B 200 35.70 -6.95 -18.19
C TYR B 200 35.44 -5.83 -19.17
N MET B 201 35.37 -6.20 -20.44
CA MET B 201 35.12 -5.25 -21.53
C MET B 201 36.20 -4.20 -21.54
N GLY B 202 37.44 -4.63 -21.34
CA GLY B 202 38.58 -3.72 -21.41
C GLY B 202 39.01 -3.16 -20.06
N LEU B 203 38.09 -3.11 -19.11
CA LEU B 203 38.38 -2.53 -17.80
C LEU B 203 39.29 -3.43 -16.99
N GLU B 204 40.41 -2.89 -16.52
CA GLU B 204 41.33 -3.63 -15.67
C GLU B 204 40.58 -4.13 -14.45
N ALA B 205 41.05 -5.23 -13.87
CA ALA B 205 40.47 -5.81 -12.67
C ALA B 205 40.15 -4.78 -11.57
N ALA B 206 41.17 -4.02 -11.16
CA ALA B 206 41.00 -3.10 -10.03
C ALA B 206 40.22 -1.83 -10.39
N THR B 207 39.59 -1.82 -11.56
CA THR B 207 38.78 -0.68 -11.98
C THR B 207 37.35 -1.08 -12.30
N TRP B 208 37.13 -2.29 -12.81
CA TRP B 208 35.76 -2.75 -13.03
C TRP B 208 35.19 -3.23 -11.72
N THR B 209 36.08 -3.65 -10.82
CA THR B 209 35.69 -4.36 -9.61
C THR B 209 34.78 -3.51 -8.71
N VAL B 210 34.71 -2.21 -9.01
CA VAL B 210 33.79 -1.35 -8.28
C VAL B 210 32.82 -0.67 -9.24
N SER B 211 33.30 -0.34 -10.42
CA SER B 211 32.46 0.24 -11.46
C SER B 211 31.23 -0.61 -11.71
N LYS B 212 31.42 -1.94 -11.67
CA LYS B 212 30.34 -2.86 -12.01
C LYS B 212 29.90 -3.76 -10.85
N LEU B 213 30.12 -3.30 -9.62
CA LEU B 213 29.73 -4.05 -8.42
C LEU B 213 28.27 -4.41 -8.43
N THR B 214 27.39 -3.44 -8.72
CA THR B 214 25.97 -3.74 -8.89
C THR B 214 25.79 -4.92 -9.85
N GLU B 215 26.48 -4.83 -11.00
CA GLU B 215 26.39 -5.79 -12.10
C GLU B 215 26.72 -7.23 -11.71
N VAL B 216 27.73 -7.40 -10.89
CA VAL B 216 28.03 -8.70 -10.32
C VAL B 216 26.93 -9.18 -9.35
N GLN B 217 26.40 -8.25 -8.57
CA GLN B 217 25.48 -8.64 -7.54
C GLN B 217 24.19 -9.15 -8.17
N SER B 218 23.77 -8.48 -9.24
CA SER B 218 22.62 -8.95 -9.99
C SER B 218 22.85 -10.35 -10.56
N ALA B 219 23.94 -10.51 -11.34
CA ALA B 219 24.36 -11.80 -11.93
C ALA B 219 24.28 -12.94 -10.90
N LEU B 220 24.81 -12.63 -9.71
CA LEU B 220 24.74 -13.54 -8.59
C LEU B 220 23.33 -13.85 -8.16
N THR B 221 22.46 -12.83 -8.02
CA THR B 221 21.07 -13.08 -7.62
C THR B 221 20.50 -14.06 -8.61
N VAL B 222 20.71 -13.73 -9.89
CA VAL B 222 20.32 -14.59 -10.98
C VAL B 222 20.86 -16.00 -10.77
N VAL B 223 22.13 -16.14 -10.38
CA VAL B 223 22.70 -17.48 -10.21
C VAL B 223 22.05 -18.29 -9.07
N SER B 224 21.87 -17.65 -7.91
CA SER B 224 21.22 -18.31 -6.79
C SER B 224 19.76 -18.59 -7.08
N SER B 225 19.23 -17.95 -8.10
CA SER B 225 17.90 -18.24 -8.53
C SER B 225 17.78 -19.71 -8.90
N LEU B 226 18.72 -20.18 -9.71
CA LEU B 226 18.55 -21.47 -10.39
C LEU B 226 18.40 -22.56 -9.36
N GLY B 227 17.82 -23.67 -9.78
CA GLY B 227 17.53 -24.75 -8.87
C GLY B 227 18.67 -25.69 -8.70
N TRP B 228 19.67 -25.26 -7.96
CA TRP B 228 20.79 -26.09 -7.78
C TRP B 228 20.34 -27.33 -7.12
N LYS B 229 20.70 -28.43 -7.73
CA LYS B 229 20.55 -29.80 -7.20
C LYS B 229 21.82 -30.19 -6.47
N LYS B 230 21.79 -31.31 -5.76
CA LYS B 230 22.91 -31.67 -4.90
C LYS B 230 23.35 -33.10 -5.18
N THR B 231 22.53 -33.82 -5.92
CA THR B 231 22.72 -35.24 -6.12
C THR B 231 22.12 -35.68 -7.45
N ASN B 232 22.78 -36.64 -8.10
CA ASN B 232 22.40 -37.19 -9.40
C ASN B 232 20.94 -37.61 -9.51
N VAL B 233 20.28 -37.69 -8.35
CA VAL B 233 18.99 -38.37 -8.17
C VAL B 233 17.75 -37.59 -8.60
N SER B 234 16.72 -38.35 -8.96
CA SER B 234 15.43 -37.78 -9.33
C SER B 234 14.84 -36.99 -8.16
N ALA B 235 14.03 -35.96 -8.44
CA ALA B 235 13.38 -35.23 -7.36
C ALA B 235 12.28 -36.07 -6.75
N ALA B 236 11.71 -36.96 -7.56
CA ALA B 236 10.79 -37.95 -7.04
C ALA B 236 11.54 -38.93 -6.09
N ALA B 237 12.87 -38.85 -6.11
CA ALA B 237 13.71 -39.60 -5.19
C ALA B 237 14.37 -38.66 -4.17
N ARG B 238 13.94 -37.41 -4.14
CA ARG B 238 14.62 -36.51 -3.24
C ARG B 238 13.90 -36.35 -1.93
N ASP B 239 12.58 -36.29 -1.99
CA ASP B 239 11.85 -36.20 -0.75
C ASP B 239 12.09 -37.46 0.00
N PHE B 240 11.96 -38.55 -0.75
CA PHE B 240 11.81 -39.85 -0.16
C PHE B 240 12.96 -39.99 0.78
N LEU B 241 14.07 -39.42 0.42
CA LEU B 241 15.17 -39.44 1.38
C LEU B 241 15.03 -38.27 2.30
N ALA B 242 14.06 -37.43 2.02
CA ALA B 242 13.66 -36.45 3.00
C ALA B 242 12.77 -37.02 4.11
N LYS B 243 11.81 -37.84 3.74
CA LYS B 243 10.93 -38.31 4.76
C LYS B 243 11.80 -38.80 5.86
N PHE B 244 13.05 -39.08 5.57
CA PHE B 244 13.87 -39.88 6.47
C PHE B 244 15.02 -39.26 7.24
N GLY B 245 15.37 -38.05 6.90
CA GLY B 245 16.51 -37.43 7.52
C GLY B 245 17.62 -37.26 6.54
N ILE B 246 17.33 -37.52 5.27
CA ILE B 246 18.35 -37.58 4.27
C ILE B 246 17.88 -36.79 3.09
N ASN B 247 18.77 -35.94 2.62
CA ASN B 247 18.47 -34.94 1.61
C ASN B 247 19.30 -35.14 0.34
N MET B 248 18.83 -36.01 -0.54
CA MET B 248 19.61 -36.32 -1.72
C MET B 248 19.48 -35.14 -2.67
N ILE C 17 47.94 -8.03 32.67
CA ILE C 17 47.19 -8.98 33.49
C ILE C 17 46.52 -8.28 34.68
N GLU C 18 45.44 -8.85 35.20
CA GLU C 18 44.68 -9.89 34.53
C GLU C 18 43.47 -9.23 33.90
N LEU C 19 42.83 -8.39 34.68
CA LEU C 19 41.55 -7.78 34.33
C LEU C 19 41.81 -6.31 34.30
N GLU C 20 41.38 -5.58 33.28
CA GLU C 20 41.93 -4.25 33.23
C GLU C 20 40.89 -3.28 33.69
N PHE C 21 41.24 -2.43 34.64
CA PHE C 21 40.35 -1.36 35.03
C PHE C 21 41.02 -0.03 34.87
N HIS C 22 40.36 0.85 34.13
CA HIS C 22 40.95 2.09 33.76
C HIS C 22 40.24 3.22 34.40
N ASP C 23 40.94 4.31 34.60
CA ASP C 23 40.33 5.44 35.27
C ASP C 23 39.28 6.08 34.39
N VAL C 24 38.16 6.43 35.01
CA VAL C 24 37.09 7.12 34.33
C VAL C 24 37.57 8.51 33.90
N ALA C 25 36.90 9.09 32.90
CA ALA C 25 37.19 10.46 32.49
C ALA C 25 36.99 11.38 33.69
N ALA C 26 38.01 12.18 34.02
CA ALA C 26 37.93 13.10 35.16
C ALA C 26 36.85 14.15 34.95
N ASN C 27 36.44 14.79 36.05
CA ASN C 27 35.41 15.85 36.03
C ASN C 27 34.18 15.20 35.30
N THR C 28 33.41 15.81 34.36
CA THR C 28 33.87 16.73 33.33
C THR C 28 32.81 17.77 32.91
N SER C 29 33.20 18.65 31.99
CA SER C 29 32.34 19.77 31.57
C SER C 29 31.73 19.53 30.19
N SER C 30 30.41 19.40 30.15
CA SER C 30 29.70 19.01 28.92
C SER C 30 29.33 20.18 28.01
N THR C 31 29.45 19.89 26.71
CA THR C 31 29.16 20.80 25.62
C THR C 31 28.09 20.38 24.62
N PHE C 32 27.28 19.39 24.94
CA PHE C 32 26.27 18.92 23.99
C PHE C 32 25.17 19.96 23.86
N ASP C 33 25.02 20.52 22.67
CA ASP C 33 24.02 21.58 22.48
C ASP C 33 22.92 21.16 21.51
N PRO C 34 21.74 20.82 22.07
CA PRO C 34 20.63 20.26 21.31
C PRO C 34 20.11 21.16 20.18
N GLU C 35 20.27 22.47 20.30
CA GLU C 35 19.85 23.33 19.21
C GLU C 35 20.78 23.09 18.01
N VAL C 36 22.07 23.00 18.31
CA VAL C 36 23.09 22.78 17.29
C VAL C 36 22.99 21.37 16.74
N ALA C 37 22.99 20.40 17.65
CA ALA C 37 22.91 18.99 17.30
C ALA C 37 21.70 18.71 16.43
N TYR C 38 20.64 19.50 16.60
CA TYR C 38 19.42 19.31 15.85
C TYR C 38 19.53 19.92 14.47
N ALA C 39 19.72 21.23 14.43
CA ALA C 39 19.88 21.95 13.16
C ALA C 39 20.90 21.21 12.30
N ASN C 40 21.98 20.76 12.93
CA ASN C 40 22.94 19.89 12.30
C ASN C 40 22.22 18.71 11.65
N PHE C 41 21.49 17.93 12.45
CA PHE C 41 20.72 16.78 11.96
C PHE C 41 19.83 17.15 10.79
N LYS C 42 19.03 18.20 11.01
CA LYS C 42 18.07 18.72 10.03
C LYS C 42 18.74 18.95 8.69
N ARG C 43 20.02 19.28 8.75
CA ARG C 43 20.82 19.73 7.61
C ARG C 43 21.59 18.59 6.93
N VAL C 44 21.70 17.42 7.54
CA VAL C 44 22.45 16.30 6.94
C VAL C 44 21.64 15.01 6.65
N HIS C 45 20.60 14.77 7.46
CA HIS C 45 19.77 13.57 7.31
C HIS C 45 18.29 13.93 7.18
N THR C 46 17.94 14.74 6.20
CA THR C 46 16.54 15.12 6.03
C THR C 46 16.07 15.27 4.57
N THR C 47 16.95 14.98 3.63
CA THR C 47 16.72 15.13 2.19
C THR C 47 15.74 14.12 1.60
N GLY C 48 15.97 12.86 1.89
CA GLY C 48 15.12 11.81 1.36
C GLY C 48 14.25 11.17 2.43
N LEU C 49 13.66 12.00 3.30
CA LEU C 49 12.68 11.46 4.23
C LEU C 49 11.25 11.82 3.87
N SER C 50 10.37 10.83 3.99
CA SER C 50 8.96 11.06 3.86
C SER C 50 8.36 11.31 5.24
N TYR C 51 7.22 11.99 5.25
CA TYR C 51 6.40 12.06 6.45
C TYR C 51 5.90 10.66 6.79
N ASP C 52 6.04 9.73 5.83
CA ASP C 52 5.74 8.32 6.01
C ASP C 52 6.95 7.53 6.50
N HIS C 53 8.13 7.90 6.02
CA HIS C 53 9.41 7.26 6.42
C HIS C 53 9.57 7.29 7.92
N ILE C 54 9.07 8.37 8.50
CA ILE C 54 9.20 8.64 9.94
C ILE C 54 8.22 7.80 10.73
N ARG C 55 7.02 7.67 10.19
CA ARG C 55 6.00 6.80 10.76
C ARG C 55 6.55 5.46 11.21
N ILE C 56 7.49 4.89 10.45
CA ILE C 56 8.08 3.61 10.83
C ILE C 56 8.99 3.73 12.05
N PHE C 57 9.70 4.84 12.18
CA PHE C 57 10.61 4.98 13.31
C PHE C 57 9.80 5.08 14.60
N TYR C 58 8.74 5.84 14.55
CA TYR C 58 7.88 5.97 15.70
C TYR C 58 7.11 4.67 16.01
N ILE C 59 6.17 4.27 15.16
CA ILE C 59 5.36 3.07 15.40
C ILE C 59 6.12 1.77 15.68
N LYS C 60 7.30 1.58 15.12
CA LYS C 60 8.05 0.36 15.40
C LYS C 60 9.14 0.60 16.45
N GLY C 61 8.95 1.66 17.24
CA GLY C 61 9.99 2.18 18.12
C GLY C 61 10.47 1.27 19.24
N ARG C 62 9.56 0.70 20.01
CA ARG C 62 9.96 -0.24 21.06
C ARG C 62 10.47 -1.52 20.40
N GLU C 63 9.91 -1.83 19.23
CA GLU C 63 10.43 -2.93 18.42
C GLU C 63 11.89 -2.64 18.04
N ILE C 64 12.19 -1.39 17.70
CA ILE C 64 13.55 -1.00 17.31
C ILE C 64 14.57 -1.09 18.46
N LYS C 65 14.12 -0.72 19.68
CA LYS C 65 15.00 -0.68 20.85
C LYS C 65 15.41 -2.07 21.32
N THR C 66 14.45 -2.99 21.35
CA THR C 66 14.75 -4.38 21.68
C THR C 66 15.58 -5.01 20.57
N SER C 67 15.45 -4.49 19.36
CA SER C 67 16.31 -4.90 18.26
C SER C 67 17.75 -4.54 18.60
N LEU C 68 17.98 -3.25 18.84
CA LEU C 68 19.33 -2.77 19.10
C LEU C 68 19.91 -3.39 20.36
N ALA C 69 19.06 -3.58 21.36
CA ALA C 69 19.48 -4.07 22.67
C ALA C 69 19.98 -5.51 22.65
N LYS C 70 19.77 -6.20 21.53
CA LYS C 70 20.32 -7.54 21.34
C LYS C 70 21.71 -7.43 20.68
N ARG C 71 21.75 -6.71 19.56
CA ARG C 71 22.93 -6.63 18.69
C ARG C 71 24.22 -6.20 19.37
N SER C 72 24.12 -5.22 20.24
CA SER C 72 25.20 -4.85 21.11
C SER C 72 26.50 -4.56 20.40
N GLU C 73 26.44 -4.11 19.16
CA GLU C 73 27.60 -3.62 18.43
C GLU C 73 27.52 -2.11 18.23
N TRP C 74 28.56 -1.40 18.66
CA TRP C 74 28.55 0.08 18.80
C TRP C 74 28.02 0.98 17.66
N GLU C 75 28.30 0.65 16.41
CA GLU C 75 27.85 1.49 15.30
C GLU C 75 26.80 0.76 14.45
N VAL C 76 25.54 1.17 14.56
CA VAL C 76 24.44 0.50 13.87
C VAL C 76 23.60 1.45 13.00
N THR C 77 23.52 1.09 11.73
CA THR C 77 22.70 1.74 10.70
C THR C 77 21.22 1.41 10.81
N LEU C 78 20.37 2.22 10.19
CA LEU C 78 18.95 2.05 10.38
C LEU C 78 18.18 1.96 9.06
N ASN C 79 17.69 0.77 8.72
CA ASN C 79 17.14 0.55 7.40
C ASN C 79 15.64 0.76 7.27
N LEU C 80 15.27 1.55 6.25
CA LEU C 80 13.88 1.86 5.97
C LEU C 80 13.65 1.95 4.47
N GLY C 81 12.43 2.29 4.08
CA GLY C 81 12.17 2.43 2.67
C GLY C 81 11.78 3.84 2.36
N GLY C 82 12.65 4.55 1.67
CA GLY C 82 14.03 4.11 1.56
C GLY C 82 14.99 4.99 2.33
N TRP C 83 14.85 4.98 3.65
CA TRP C 83 15.63 5.85 4.52
C TRP C 83 16.68 5.08 5.34
N LYS C 84 17.94 5.48 5.19
CA LYS C 84 19.00 4.93 6.03
C LYS C 84 19.55 6.03 6.95
N ILE C 85 20.03 5.63 8.14
CA ILE C 85 20.64 6.55 9.10
C ILE C 85 21.42 5.78 10.17
N THR C 86 22.58 6.29 10.55
CA THR C 86 23.44 5.55 11.46
C THR C 86 23.41 6.10 12.89
N VAL C 87 22.99 5.26 13.84
CA VAL C 87 22.94 5.64 15.25
C VAL C 87 24.06 5.00 16.04
N TYR C 88 24.68 5.74 16.96
CA TYR C 88 25.64 5.11 17.86
C TYR C 88 24.83 4.33 18.90
N ASN C 89 24.91 3.01 18.83
CA ASN C 89 24.09 2.13 19.68
C ASN C 89 24.46 2.15 21.16
N THR C 90 23.82 3.02 21.94
CA THR C 90 23.99 3.01 23.39
C THR C 90 22.81 2.36 24.06
N ASN C 91 22.06 1.61 23.26
CA ASN C 91 20.89 0.93 23.77
C ASN C 91 21.17 -0.54 24.06
N PHE C 92 22.46 -0.87 24.18
CA PHE C 92 22.87 -2.23 24.53
C PHE C 92 23.78 -2.18 25.76
N PRO C 93 23.79 -3.24 26.59
CA PRO C 93 24.47 -3.23 27.90
C PRO C 93 25.87 -2.57 27.94
N GLY C 94 26.48 -2.31 26.78
CA GLY C 94 27.65 -1.46 26.72
C GLY C 94 27.21 0.00 26.74
N ASN C 95 27.53 0.70 27.83
CA ASN C 95 26.96 2.03 28.11
C ASN C 95 27.99 3.17 28.30
N ARG C 96 29.10 2.95 28.96
CA ARG C 96 29.94 4.07 29.32
C ARG C 96 30.42 4.81 28.08
N ASN C 97 30.16 4.18 26.95
CA ASN C 97 30.71 4.68 25.72
C ASN C 97 30.09 6.01 25.52
N SER C 98 30.92 7.03 25.47
CA SER C 98 30.41 8.39 25.32
C SER C 98 30.18 8.86 23.88
N PRO C 99 28.91 8.89 23.44
CA PRO C 99 28.54 9.32 22.07
C PRO C 99 28.86 10.78 21.85
N VAL C 100 29.27 11.09 20.65
CA VAL C 100 29.97 12.35 20.41
C VAL C 100 29.06 13.60 20.43
N PRO C 101 29.21 14.45 21.48
CA PRO C 101 28.41 15.66 21.74
C PRO C 101 28.95 16.93 21.05
N ASP C 102 28.35 17.30 19.92
CA ASP C 102 27.01 16.85 19.54
C ASP C 102 26.86 15.84 18.39
N ASP C 103 27.91 15.68 17.58
CA ASP C 103 27.86 14.90 16.32
C ASP C 103 27.17 13.54 16.38
N GLY C 104 27.22 12.92 17.55
CA GLY C 104 26.69 11.59 17.71
C GLY C 104 25.21 11.56 17.51
N LEU C 105 24.65 10.36 17.35
CA LEU C 105 23.21 10.22 17.19
C LEU C 105 22.80 8.93 17.86
N THR C 106 21.98 9.04 18.91
CA THR C 106 21.42 7.84 19.55
C THR C 106 19.98 7.61 19.12
N LEU C 107 19.37 6.55 19.63
CA LEU C 107 17.98 6.28 19.29
C LEU C 107 17.15 7.31 20.06
N HIS C 108 17.56 7.57 21.30
CA HIS C 108 16.94 8.61 22.10
C HIS C 108 17.00 9.95 21.41
N ARG C 109 18.20 10.35 20.98
CA ARG C 109 18.36 11.62 20.30
C ARG C 109 17.49 11.70 19.04
N LEU C 110 17.51 10.64 18.25
CA LEU C 110 16.84 10.59 16.95
C LEU C 110 15.39 11.00 17.02
N SER C 111 14.62 10.37 17.90
CA SER C 111 13.20 10.71 18.03
C SER C 111 13.02 12.18 18.42
N GLY C 112 13.79 12.61 19.43
CA GLY C 112 13.76 13.98 19.90
C GLY C 112 13.90 15.01 18.80
N PHE C 113 14.86 14.79 17.90
CA PHE C 113 15.10 15.66 16.76
C PHE C 113 13.89 15.63 15.85
N LEU C 114 13.53 14.41 15.51
CA LEU C 114 12.39 14.15 14.66
C LEU C 114 11.11 14.75 15.21
N ALA C 115 11.00 14.83 16.53
CA ALA C 115 9.82 15.41 17.14
C ALA C 115 9.77 16.92 16.88
N ARG C 116 10.93 17.56 16.98
CA ARG C 116 11.02 19.00 16.76
C ARG C 116 10.75 19.30 15.31
N TYR C 117 11.53 18.63 14.47
CA TYR C 117 11.33 18.63 13.02
C TYR C 117 9.85 18.54 12.58
N LEU C 118 9.13 17.60 13.18
CA LEU C 118 7.75 17.33 12.81
C LEU C 118 6.88 18.55 13.08
N LEU C 119 7.00 19.05 14.30
CA LEU C 119 6.37 20.29 14.71
C LEU C 119 6.87 21.43 13.81
N GLU C 120 8.16 21.39 13.50
CA GLU C 120 8.79 22.45 12.73
C GLU C 120 8.11 22.56 11.39
N LYS C 121 8.16 21.47 10.66
CA LYS C 121 7.48 21.33 9.39
C LYS C 121 6.03 21.79 9.51
N MET C 122 5.34 21.30 10.55
CA MET C 122 3.92 21.53 10.73
C MET C 122 3.56 22.92 11.28
N LEU C 123 4.54 23.82 11.37
CA LEU C 123 4.22 25.20 11.76
C LEU C 123 4.07 26.04 10.50
N LYS C 124 4.79 25.59 9.47
CA LYS C 124 4.88 26.28 8.18
C LYS C 124 3.90 25.72 7.17
N VAL C 125 3.95 24.40 6.97
CA VAL C 125 3.22 23.72 5.90
C VAL C 125 1.75 24.10 5.73
N SER C 126 1.33 24.11 4.47
CA SER C 126 -0.03 24.40 4.04
C SER C 126 -1.05 23.46 4.65
N GLU C 127 -2.18 23.95 5.10
CA GLU C 127 -3.01 23.19 5.99
C GLU C 127 -3.37 21.84 5.41
N PRO C 128 -3.70 21.74 4.14
CA PRO C 128 -3.92 20.39 3.60
C PRO C 128 -2.79 19.40 3.83
N GLU C 129 -1.55 19.88 3.94
CA GLU C 129 -0.39 19.00 4.11
C GLU C 129 -0.22 18.56 5.56
N LYS C 130 -0.68 19.41 6.49
CA LYS C 130 -0.74 19.10 7.91
C LYS C 130 -1.67 17.91 8.06
N LEU C 131 -2.86 18.06 7.49
CA LEU C 131 -3.91 17.03 7.47
C LEU C 131 -3.42 15.72 6.93
N ILE C 132 -2.51 15.80 5.96
CA ILE C 132 -1.85 14.62 5.46
C ILE C 132 -0.95 14.06 6.55
N ILE C 133 0.00 14.86 7.02
CA ILE C 133 1.01 14.34 7.94
C ILE C 133 0.50 14.00 9.33
N LYS C 134 -0.68 14.51 9.69
CA LYS C 134 -1.29 14.13 10.96
C LYS C 134 -1.62 12.64 10.91
N SER C 135 -2.30 12.25 9.84
CA SER C 135 -2.75 10.88 9.69
C SER C 135 -1.60 9.87 9.61
N LYS C 136 -0.53 10.23 8.94
CA LYS C 136 0.58 9.30 8.75
C LYS C 136 1.41 9.16 10.01
N ILE C 137 1.31 10.14 10.91
CA ILE C 137 2.11 10.10 12.13
C ILE C 137 1.31 9.74 13.37
N ILE C 138 1.75 8.68 14.03
CA ILE C 138 1.22 8.30 15.33
C ILE C 138 2.31 8.05 16.36
N ASN C 139 1.95 8.22 17.63
CA ASN C 139 2.88 8.09 18.73
C ASN C 139 2.31 7.04 19.66
N PRO C 140 2.98 5.88 19.72
CA PRO C 140 2.64 4.81 20.65
C PRO C 140 2.49 5.33 22.07
N LEU C 141 3.42 6.16 22.54
CA LEU C 141 3.38 6.62 23.92
C LEU C 141 2.11 7.37 24.22
N ALA C 142 1.77 8.35 23.38
CA ALA C 142 0.64 9.21 23.64
C ALA C 142 -0.69 8.61 23.28
N GLU C 143 -0.70 7.50 22.56
CA GLU C 143 -2.00 6.90 22.26
C GLU C 143 -2.47 6.04 23.43
N LYS C 144 -1.57 5.27 24.05
CA LYS C 144 -1.84 4.84 25.42
C LYS C 144 -1.94 6.17 26.13
N ASN C 145 -2.87 6.27 27.07
CA ASN C 145 -3.26 7.54 27.69
C ASN C 145 -4.28 8.25 26.79
N GLY C 146 -4.49 7.70 25.60
CA GLY C 146 -5.57 8.16 24.74
C GLY C 146 -5.43 9.61 24.35
N ILE C 147 -4.19 10.04 24.17
CA ILE C 147 -3.90 11.41 23.77
C ILE C 147 -3.64 11.43 22.27
N THR C 148 -4.38 12.21 21.53
CA THR C 148 -4.21 12.23 20.12
C THR C 148 -3.99 13.63 19.62
N TRP C 149 -3.98 13.84 18.32
CA TRP C 149 -3.65 15.17 17.78
C TRP C 149 -4.62 16.29 18.22
N ASN C 150 -5.83 15.93 18.63
CA ASN C 150 -6.87 16.90 18.99
C ASN C 150 -6.52 17.67 20.26
N ASP C 151 -5.42 17.27 20.89
CA ASP C 151 -5.07 17.79 22.21
C ASP C 151 -3.96 18.86 22.16
N GLY C 152 -3.19 18.85 21.07
CA GLY C 152 -2.19 19.87 20.81
C GLY C 152 -1.00 19.39 20.01
N GLU C 153 -0.52 20.21 19.08
CA GLU C 153 0.60 19.89 18.19
C GLU C 153 1.89 19.66 18.99
N GLU C 154 2.14 20.53 19.97
CA GLU C 154 3.29 20.37 20.86
C GLU C 154 3.06 19.25 21.87
N VAL C 155 1.83 19.21 22.40
CA VAL C 155 1.41 18.22 23.38
C VAL C 155 1.64 16.78 22.91
N TYR C 156 0.96 16.42 21.83
CA TYR C 156 1.15 15.13 21.18
C TYR C 156 2.61 14.92 20.91
N LEU C 157 3.24 15.90 20.30
CA LEU C 157 4.63 15.73 19.93
C LEU C 157 5.54 15.61 21.17
N SER C 158 4.99 15.92 22.33
CA SER C 158 5.79 15.95 23.54
C SER C 158 5.83 14.64 24.33
N PHE C 159 5.12 13.63 23.86
CA PHE C 159 5.17 12.35 24.53
C PHE C 159 6.35 11.53 24.02
N PHE C 160 6.91 11.99 22.91
CA PHE C 160 8.07 11.36 22.28
C PHE C 160 9.32 11.51 23.12
N PRO C 161 10.05 10.41 23.26
CA PRO C 161 11.27 10.47 24.07
C PRO C 161 12.21 11.42 23.38
N GLY C 162 12.94 12.21 24.14
CA GLY C 162 13.89 13.10 23.53
C GLY C 162 13.31 14.47 23.23
N SER C 163 12.00 14.63 23.36
CA SER C 163 11.45 15.96 23.17
C SER C 163 11.95 16.89 24.27
N GLU C 164 12.41 16.28 25.35
CA GLU C 164 12.83 17.02 26.52
C GLU C 164 14.06 17.87 26.25
N MET C 165 14.68 17.70 25.08
CA MET C 165 15.76 18.58 24.67
C MET C 165 15.22 19.96 24.27
N PHE C 166 13.89 20.09 24.26
CA PHE C 166 13.26 21.28 23.71
C PHE C 166 12.11 21.77 24.57
N LEU C 167 12.48 22.20 25.77
CA LEU C 167 11.53 22.71 26.75
C LEU C 167 10.80 23.94 26.22
N GLY C 168 11.56 24.96 25.83
CA GLY C 168 11.02 26.17 25.25
C GLY C 168 10.28 25.93 23.97
N THR C 169 10.71 24.94 23.20
CA THR C 169 10.20 24.80 21.85
C THR C 169 9.07 23.81 21.82
N PHE C 170 8.77 23.25 23.01
CA PHE C 170 7.62 22.38 23.21
C PHE C 170 6.81 22.91 24.38
N ARG C 171 6.95 24.22 24.61
CA ARG C 171 6.20 24.96 25.62
C ARG C 171 6.12 24.29 27.00
N PHE C 172 7.19 23.60 27.36
CA PHE C 172 7.33 22.99 28.67
C PHE C 172 6.61 21.69 28.87
N TYR C 173 5.73 21.34 27.95
CA TYR C 173 4.94 20.13 28.12
C TYR C 173 5.66 18.81 28.49
N PRO C 174 6.83 18.50 27.88
CA PRO C 174 7.40 17.20 28.25
C PRO C 174 7.98 17.20 29.66
N LEU C 175 8.10 18.36 30.28
CA LEU C 175 8.29 18.47 31.73
C LEU C 175 6.94 18.34 32.48
N ALA C 176 5.94 19.04 31.99
CA ALA C 176 4.61 18.87 32.51
C ALA C 176 4.23 17.41 32.55
N ILE C 177 4.38 16.70 31.42
CA ILE C 177 3.99 15.29 31.34
C ILE C 177 4.76 14.47 32.34
N GLY C 178 5.95 14.97 32.69
CA GLY C 178 6.84 14.30 33.63
C GLY C 178 6.32 14.44 35.04
N ILE C 179 6.05 15.69 35.45
CA ILE C 179 5.49 15.97 36.77
C ILE C 179 4.15 15.25 36.97
N TYR C 180 3.32 15.21 35.95
CA TYR C 180 2.06 14.53 36.09
C TYR C 180 2.21 13.04 36.28
N LYS C 181 2.91 12.35 35.41
CA LYS C 181 3.26 10.96 35.67
C LYS C 181 3.74 10.60 37.11
N VAL C 182 4.77 11.26 37.55
CA VAL C 182 5.33 10.97 38.83
C VAL C 182 4.29 11.22 39.87
N GLN C 183 3.47 12.24 39.67
CA GLN C 183 2.58 12.69 40.72
C GLN C 183 1.73 11.53 41.11
N ARG C 184 1.30 10.77 40.13
CA ARG C 184 0.52 9.60 40.39
C ARG C 184 1.38 8.35 40.36
N LYS C 185 2.68 8.53 40.36
CA LYS C 185 3.58 7.39 40.27
C LYS C 185 3.13 6.47 39.18
N GLU C 186 2.84 7.04 38.04
CA GLU C 186 2.75 6.27 36.83
C GLU C 186 4.15 6.28 36.27
N MET C 187 5.05 6.96 36.93
CA MET C 187 6.43 6.87 36.51
C MET C 187 7.38 7.14 37.65
N GLU C 188 8.54 6.54 37.65
CA GLU C 188 9.47 6.80 38.74
C GLU C 188 9.77 8.31 38.85
N PRO C 189 10.14 8.78 40.06
CA PRO C 189 10.61 10.16 40.11
C PRO C 189 11.91 10.35 39.33
N LYS C 190 12.77 9.34 39.30
CA LYS C 190 14.12 9.48 38.77
C LYS C 190 14.12 9.87 37.31
N TYR C 191 13.06 9.60 36.59
CA TYR C 191 13.09 9.69 35.15
C TYR C 191 12.79 11.10 34.77
N LEU C 192 13.04 11.99 35.69
CA LEU C 192 12.82 13.39 35.51
C LEU C 192 14.09 14.17 35.61
N GLU C 193 14.99 13.64 36.39
CA GLU C 193 16.18 14.40 36.79
C GLU C 193 16.99 14.89 35.60
N LYS C 194 16.90 14.16 34.49
CA LYS C 194 17.51 14.59 33.24
C LYS C 194 16.87 15.88 32.74
N THR C 195 15.55 15.88 32.64
CA THR C 195 14.81 17.03 32.16
C THR C 195 15.14 18.26 32.98
N MET C 196 15.27 18.10 34.29
CA MET C 196 15.68 19.20 35.16
C MET C 196 17.08 19.75 34.86
N ARG C 197 17.76 19.11 33.92
CA ARG C 197 19.10 19.50 33.48
C ARG C 197 19.04 20.33 32.23
N GLN C 198 17.87 20.35 31.64
CA GLN C 198 17.68 20.90 30.34
C GLN C 198 17.64 22.39 30.41
N ARG C 199 17.55 23.02 29.26
CA ARG C 199 17.55 24.45 29.20
C ARG C 199 16.25 24.86 28.61
N TYR C 200 15.64 25.85 29.22
CA TYR C 200 14.40 26.36 28.71
C TYR C 200 14.75 27.63 28.05
N MET C 201 14.60 27.74 26.76
CA MET C 201 14.66 29.05 26.15
C MET C 201 16.09 29.55 26.16
N GLY C 202 17.01 28.69 26.55
CA GLY C 202 18.39 29.06 26.73
C GLY C 202 18.79 29.43 28.13
N LEU C 203 17.85 29.43 29.06
CA LEU C 203 18.19 29.76 30.44
C LEU C 203 18.29 28.50 31.24
N GLU C 204 19.23 28.47 32.15
CA GLU C 204 19.58 27.24 32.84
C GLU C 204 18.55 26.91 33.91
N ALA C 205 18.60 25.67 34.40
CA ALA C 205 17.68 25.17 35.39
C ALA C 205 17.68 26.09 36.56
N ALA C 206 18.89 26.56 36.90
CA ALA C 206 19.12 27.58 37.91
C ALA C 206 18.24 28.83 37.78
N THR C 207 17.97 29.25 36.54
CA THR C 207 17.21 30.47 36.30
C THR C 207 15.70 30.24 36.09
N TRP C 208 15.34 29.29 35.22
CA TRP C 208 13.92 29.06 34.97
C TRP C 208 13.13 28.40 36.13
N THR C 209 13.86 27.78 37.05
CA THR C 209 13.23 27.21 38.24
C THR C 209 12.69 28.34 39.15
N VAL C 210 13.53 29.33 39.39
CA VAL C 210 13.14 30.53 40.12
C VAL C 210 12.12 31.34 39.31
N SER C 211 12.43 31.55 38.04
CA SER C 211 11.68 32.44 37.19
C SER C 211 10.37 31.87 36.64
N LYS C 212 10.43 30.72 35.97
CA LYS C 212 9.31 30.22 35.18
C LYS C 212 8.25 29.43 35.90
N LEU C 213 8.23 29.46 37.21
CA LEU C 213 7.53 28.45 37.97
C LEU C 213 6.10 28.44 37.54
N THR C 214 5.57 29.58 37.17
CA THR C 214 4.20 29.64 36.66
C THR C 214 3.93 29.13 35.21
N GLU C 215 4.94 29.34 34.36
CA GLU C 215 4.95 28.75 33.03
C GLU C 215 4.82 27.22 32.98
N VAL C 216 5.59 26.55 33.83
CA VAL C 216 5.46 25.12 33.99
C VAL C 216 4.18 24.72 34.74
N GLN C 217 3.75 25.53 35.71
CA GLN C 217 2.55 25.23 36.49
C GLN C 217 1.32 25.21 35.58
N SER C 218 1.33 26.15 34.63
CA SER C 218 0.36 26.22 33.54
C SER C 218 0.43 24.97 32.68
N ALA C 219 1.59 24.77 32.07
CA ALA C 219 1.90 23.60 31.25
C ALA C 219 1.31 22.32 31.83
N LEU C 220 1.41 22.17 33.14
CA LEU C 220 0.86 21.01 33.82
C LEU C 220 -0.65 21.01 33.77
N THR C 221 -1.28 22.11 34.12
CA THR C 221 -2.74 22.10 34.27
C THR C 221 -3.45 21.75 32.96
N VAL C 222 -2.98 22.32 31.85
CA VAL C 222 -3.50 21.93 30.53
C VAL C 222 -3.25 20.44 30.18
N VAL C 223 -2.15 19.89 30.69
CA VAL C 223 -1.86 18.47 30.51
C VAL C 223 -2.85 17.64 31.31
N SER C 224 -3.11 18.08 32.55
CA SER C 224 -3.97 17.34 33.46
C SER C 224 -5.45 17.65 33.19
N SER C 225 -5.67 18.47 32.18
CA SER C 225 -7.02 18.71 31.69
C SER C 225 -7.34 17.74 30.54
N LEU C 226 -6.30 17.29 29.85
CA LEU C 226 -6.44 16.38 28.72
C LEU C 226 -7.29 15.11 28.98
N GLY C 227 -7.94 14.62 27.94
CA GLY C 227 -8.70 13.39 28.03
C GLY C 227 -7.86 12.15 28.24
N TRP C 228 -7.03 12.13 29.28
CA TRP C 228 -6.21 10.97 29.59
C TRP C 228 -7.06 9.74 29.81
N LYS C 229 -6.55 8.56 29.46
CA LYS C 229 -7.29 7.32 29.70
C LYS C 229 -6.38 6.18 30.14
N LYS C 230 -6.96 5.08 30.60
CA LYS C 230 -6.13 4.04 31.19
C LYS C 230 -5.84 2.70 30.55
N THR C 231 -6.83 2.08 29.91
CA THR C 231 -6.57 0.92 29.07
C THR C 231 -6.92 1.17 27.62
N ASN C 232 -7.53 2.32 27.37
CA ASN C 232 -8.01 2.65 26.04
C ASN C 232 -8.78 1.50 25.38
N VAL C 233 -9.84 1.08 26.09
CA VAL C 233 -10.93 0.27 25.58
C VAL C 233 -11.81 1.25 24.85
N SER C 234 -12.96 0.78 24.38
CA SER C 234 -13.89 1.66 23.70
C SER C 234 -14.46 2.76 24.59
N ALA C 235 -15.06 3.76 23.96
CA ALA C 235 -15.82 4.77 24.69
C ALA C 235 -16.88 4.08 25.55
N ALA C 236 -17.93 3.58 24.91
CA ALA C 236 -18.99 2.80 25.58
C ALA C 236 -18.52 1.67 26.49
N ALA C 237 -17.34 1.12 26.26
CA ALA C 237 -16.89 0.01 27.08
C ALA C 237 -16.45 0.51 28.45
N ARG C 238 -15.81 1.68 28.48
CA ARG C 238 -15.33 2.26 29.74
C ARG C 238 -16.49 2.62 30.66
N ASP C 239 -17.49 3.27 30.06
CA ASP C 239 -18.76 3.57 30.72
C ASP C 239 -19.48 2.32 31.26
N PHE C 240 -19.75 1.37 30.36
CA PHE C 240 -20.31 0.08 30.75
C PHE C 240 -19.56 -0.51 31.94
N LEU C 241 -18.24 -0.61 31.85
CA LEU C 241 -17.50 -1.19 32.96
C LEU C 241 -17.54 -0.36 34.25
N ALA C 242 -17.86 0.93 34.14
CA ALA C 242 -18.00 1.80 35.31
C ALA C 242 -19.36 1.67 35.97
N LYS C 243 -20.25 0.92 35.33
CA LYS C 243 -21.49 0.53 35.97
C LYS C 243 -21.19 -0.61 36.93
N PHE C 244 -19.90 -0.95 37.00
CA PHE C 244 -19.36 -1.98 37.87
C PHE C 244 -18.19 -1.31 38.57
N GLY C 245 -17.41 -2.06 39.32
CA GLY C 245 -16.26 -1.45 39.94
C GLY C 245 -15.08 -1.38 39.02
N ILE C 246 -15.32 -1.45 37.72
CA ILE C 246 -14.22 -1.54 36.79
C ILE C 246 -14.12 -0.26 36.03
N ASN C 247 -13.01 0.43 36.26
CA ASN C 247 -12.69 1.72 35.70
C ASN C 247 -12.53 1.85 34.21
N MET C 248 -11.78 0.91 33.64
CA MET C 248 -11.23 1.01 32.29
C MET C 248 -11.20 2.43 31.72
N ILE D 17 -37.35 29.07 -32.25
CA ILE D 17 -38.60 28.32 -32.08
C ILE D 17 -38.45 27.04 -31.23
N GLU D 18 -39.56 26.62 -30.59
CA GLU D 18 -39.60 25.44 -29.72
C GLU D 18 -41.02 24.95 -29.37
N LEU D 19 -41.14 23.69 -28.93
CA LEU D 19 -42.42 23.10 -28.51
C LEU D 19 -42.31 22.71 -27.04
N GLU D 20 -43.44 22.60 -26.37
CA GLU D 20 -43.50 22.15 -24.99
C GLU D 20 -44.67 21.20 -24.88
N PHE D 21 -44.54 20.07 -24.22
CA PHE D 21 -45.70 19.20 -24.02
C PHE D 21 -46.17 19.39 -22.61
N HIS D 22 -47.50 19.36 -22.41
CA HIS D 22 -48.12 19.32 -21.08
C HIS D 22 -49.40 18.46 -21.13
N ASP D 23 -49.84 17.96 -19.97
CA ASP D 23 -51.00 17.05 -19.91
C ASP D 23 -51.79 16.96 -18.57
N VAL D 24 -53.06 16.54 -18.69
CA VAL D 24 -53.97 16.37 -17.54
C VAL D 24 -53.37 15.51 -16.43
N ALA D 25 -53.69 15.86 -15.18
CA ALA D 25 -53.46 14.99 -14.03
C ALA D 25 -54.28 15.52 -12.88
N ALA D 26 -54.99 14.62 -12.21
CA ALA D 26 -55.83 14.97 -11.06
C ALA D 26 -55.18 14.54 -9.74
N ASN D 27 -55.85 14.83 -8.62
CA ASN D 27 -55.30 14.49 -7.31
C ASN D 27 -56.26 13.74 -6.35
N THR D 28 -55.74 12.66 -5.77
CA THR D 28 -56.45 11.88 -4.74
C THR D 28 -56.02 12.32 -3.33
N SER D 29 -56.90 12.22 -2.36
CA SER D 29 -56.53 12.66 -1.01
C SER D 29 -55.38 11.81 -0.54
N SER D 30 -54.44 12.39 0.19
CA SER D 30 -53.11 11.83 0.30
C SER D 30 -53.22 10.43 0.79
N THR D 31 -52.39 9.55 0.25
CA THR D 31 -52.39 8.14 0.62
C THR D 31 -51.45 8.08 1.74
N PHE D 32 -50.95 9.23 2.11
CA PHE D 32 -49.91 9.27 3.10
C PHE D 32 -50.41 9.23 4.53
N ASP D 33 -50.15 8.12 5.21
CA ASP D 33 -50.57 7.90 6.59
C ASP D 33 -49.32 7.75 7.47
N PRO D 34 -48.88 8.85 8.11
CA PRO D 34 -47.66 8.86 8.94
C PRO D 34 -47.61 7.70 9.93
N GLU D 35 -48.78 7.18 10.28
CA GLU D 35 -48.88 6.10 11.23
C GLU D 35 -48.38 4.82 10.60
N VAL D 36 -48.30 4.82 9.27
CA VAL D 36 -48.00 3.61 8.55
C VAL D 36 -46.68 3.72 7.80
N ALA D 37 -46.24 4.97 7.59
CA ALA D 37 -44.93 5.25 7.00
C ALA D 37 -43.89 5.06 8.10
N TYR D 38 -44.23 5.53 9.28
CA TYR D 38 -43.43 5.29 10.45
C TYR D 38 -43.38 3.79 10.76
N ALA D 39 -44.46 3.09 10.42
CA ALA D 39 -44.60 1.68 10.77
C ALA D 39 -43.57 0.80 10.04
N ASN D 40 -43.41 1.03 8.73
CA ASN D 40 -42.46 0.22 7.96
C ASN D 40 -41.02 0.63 8.27
N PHE D 41 -40.82 1.93 8.44
CA PHE D 41 -39.55 2.50 8.87
C PHE D 41 -39.00 1.69 10.04
N LYS D 42 -39.71 1.72 11.16
CA LYS D 42 -39.32 1.00 12.38
C LYS D 42 -39.18 -0.51 12.09
N ARG D 43 -39.91 -0.98 11.09
CA ARG D 43 -39.86 -2.38 10.74
C ARG D 43 -38.68 -2.63 9.86
N VAL D 44 -38.18 -1.58 9.25
CA VAL D 44 -37.15 -1.73 8.26
C VAL D 44 -35.92 -0.90 8.56
N HIS D 45 -35.97 0.35 8.19
CA HIS D 45 -34.83 1.19 8.31
C HIS D 45 -34.74 1.44 9.76
N THR D 46 -34.62 0.39 10.56
CA THR D 46 -34.35 0.66 11.96
C THR D 46 -33.38 -0.41 12.46
N THR D 47 -32.94 -1.23 11.52
CA THR D 47 -32.20 -2.42 11.90
C THR D 47 -30.84 -2.16 12.58
N GLY D 48 -29.98 -1.32 11.99
CA GLY D 48 -28.68 -1.04 12.59
C GLY D 48 -28.59 0.04 13.68
N LEU D 49 -29.69 0.77 13.91
CA LEU D 49 -29.75 1.99 14.75
C LEU D 49 -29.24 1.94 16.19
N SER D 50 -28.35 2.87 16.49
CA SER D 50 -27.87 3.11 17.84
C SER D 50 -28.06 4.60 18.09
N TYR D 51 -28.05 5.01 19.34
CA TYR D 51 -28.35 6.40 19.66
C TYR D 51 -27.27 7.27 19.11
N ASP D 52 -26.04 6.75 19.06
CA ASP D 52 -24.92 7.50 18.50
C ASP D 52 -25.13 7.87 17.02
N HIS D 53 -25.93 7.12 16.29
CA HIS D 53 -26.24 7.53 14.92
C HIS D 53 -27.32 8.60 14.96
N ILE D 54 -28.36 8.33 15.73
CA ILE D 54 -29.52 9.22 15.78
C ILE D 54 -29.06 10.58 16.28
N ARG D 55 -28.01 10.56 17.10
CA ARG D 55 -27.33 11.75 17.59
C ARG D 55 -26.86 12.53 16.39
N ILE D 56 -26.05 11.87 15.58
CA ILE D 56 -25.36 12.59 14.55
C ILE D 56 -26.40 13.17 13.66
N PHE D 57 -27.39 12.36 13.26
CA PHE D 57 -28.32 12.83 12.26
C PHE D 57 -28.95 14.14 12.69
N TYR D 58 -29.40 14.17 13.93
CA TYR D 58 -30.08 15.34 14.43
C TYR D 58 -29.15 16.53 14.62
N ILE D 59 -27.95 16.28 15.10
CA ILE D 59 -26.98 17.32 15.45
C ILE D 59 -26.19 17.93 14.27
N LYS D 60 -26.38 17.39 13.07
CA LYS D 60 -25.63 17.84 11.89
C LYS D 60 -26.64 18.27 10.81
N GLY D 61 -27.89 17.94 11.12
CA GLY D 61 -29.00 17.98 10.18
C GLY D 61 -29.28 19.26 9.44
N ARG D 62 -28.66 20.37 9.82
CA ARG D 62 -28.78 21.57 9.02
C ARG D 62 -27.74 21.44 7.95
N GLU D 63 -26.52 21.11 8.37
CA GLU D 63 -25.47 20.84 7.43
C GLU D 63 -26.07 19.85 6.43
N ILE D 64 -26.41 18.66 6.91
CA ILE D 64 -27.04 17.65 6.08
C ILE D 64 -28.15 18.21 5.20
N LYS D 65 -28.93 19.12 5.75
CA LYS D 65 -29.98 19.76 4.98
C LYS D 65 -29.33 20.65 3.93
N THR D 66 -28.27 21.37 4.28
CA THR D 66 -27.69 22.34 3.34
C THR D 66 -27.03 21.62 2.17
N SER D 67 -26.44 20.46 2.47
CA SER D 67 -25.74 19.62 1.50
C SER D 67 -26.66 19.18 0.39
N LEU D 68 -27.66 18.37 0.74
CA LEU D 68 -28.60 17.87 -0.25
C LEU D 68 -29.40 18.95 -0.98
N ALA D 69 -29.19 20.21 -0.64
CA ALA D 69 -29.87 21.32 -1.29
C ALA D 69 -28.90 22.16 -2.11
N LYS D 70 -27.62 22.06 -1.75
CA LYS D 70 -26.54 22.41 -2.69
C LYS D 70 -26.63 21.45 -3.88
N ARG D 71 -26.37 20.17 -3.63
CA ARG D 71 -26.24 19.19 -4.69
C ARG D 71 -27.50 18.46 -5.08
N SER D 72 -28.04 18.84 -6.24
CA SER D 72 -29.19 18.15 -6.80
C SER D 72 -28.82 16.74 -7.32
N GLU D 73 -29.04 15.75 -6.47
CA GLU D 73 -29.08 14.36 -6.83
C GLU D 73 -30.18 13.76 -6.01
N TRP D 74 -30.91 12.80 -6.53
CA TRP D 74 -32.14 12.39 -5.91
C TRP D 74 -32.18 11.13 -5.10
N GLU D 75 -31.11 10.36 -5.05
CA GLU D 75 -31.19 9.18 -4.23
C GLU D 75 -29.97 9.17 -3.36
N VAL D 76 -29.81 10.24 -2.61
CA VAL D 76 -28.75 10.37 -1.66
C VAL D 76 -28.95 9.38 -0.57
N THR D 77 -27.93 8.60 -0.33
CA THR D 77 -27.73 7.84 0.90
C THR D 77 -26.92 8.67 1.88
N LEU D 78 -27.28 8.61 3.16
CA LEU D 78 -26.52 9.28 4.19
C LEU D 78 -25.82 8.25 5.05
N ASN D 79 -24.55 8.52 5.36
CA ASN D 79 -23.80 7.71 6.30
C ASN D 79 -23.69 8.52 7.58
N LEU D 80 -24.54 8.25 8.56
CA LEU D 80 -24.42 8.94 9.83
C LEU D 80 -23.74 7.96 10.78
N GLY D 81 -22.44 8.18 11.05
CA GLY D 81 -21.66 7.17 11.74
C GLY D 81 -21.73 5.91 10.92
N GLY D 82 -21.68 4.75 11.57
CA GLY D 82 -21.75 3.48 10.85
C GLY D 82 -23.03 3.25 10.03
N TRP D 83 -24.14 3.82 10.51
CA TRP D 83 -25.49 3.54 9.99
C TRP D 83 -25.82 4.32 8.73
N LYS D 84 -26.24 3.60 7.69
CA LYS D 84 -26.46 4.20 6.37
C LYS D 84 -27.93 4.25 6.04
N ILE D 85 -28.45 5.46 5.79
CA ILE D 85 -29.89 5.63 5.57
C ILE D 85 -30.24 6.40 4.29
N THR D 86 -31.22 5.88 3.57
CA THR D 86 -31.38 6.25 2.18
C THR D 86 -32.64 7.05 1.91
N VAL D 87 -32.44 8.25 1.39
CA VAL D 87 -33.42 9.32 1.41
C VAL D 87 -33.70 9.82 0.00
N TYR D 88 -34.97 10.06 -0.33
CA TYR D 88 -35.28 10.78 -1.57
C TYR D 88 -35.08 12.26 -1.34
N ASN D 89 -34.43 12.92 -2.29
CA ASN D 89 -33.93 14.26 -2.07
C ASN D 89 -34.84 15.33 -2.63
N THR D 90 -35.80 15.78 -1.84
CA THR D 90 -36.68 16.83 -2.28
C THR D 90 -36.10 18.15 -1.84
N ASN D 91 -35.07 18.09 -1.01
CA ASN D 91 -34.49 19.31 -0.53
C ASN D 91 -33.88 20.10 -1.62
N PHE D 92 -33.18 19.44 -2.49
CA PHE D 92 -32.47 20.11 -3.54
C PHE D 92 -33.53 20.73 -4.38
N PRO D 93 -33.18 21.95 -4.97
CA PRO D 93 -34.33 22.69 -5.48
C PRO D 93 -35.18 21.98 -6.51
N GLY D 94 -34.77 20.84 -7.04
CA GLY D 94 -35.69 20.07 -7.87
C GLY D 94 -36.61 19.26 -6.97
N ASN D 95 -37.52 19.98 -6.30
CA ASN D 95 -38.39 19.44 -5.24
C ASN D 95 -39.87 19.31 -5.44
N ARG D 96 -40.43 19.54 -6.61
CA ARG D 96 -41.84 19.17 -6.74
C ARG D 96 -41.95 17.81 -7.47
N ASN D 97 -41.01 16.95 -7.14
CA ASN D 97 -40.99 15.60 -7.61
C ASN D 97 -41.65 14.78 -6.53
N SER D 98 -42.28 13.68 -6.90
CA SER D 98 -43.15 12.99 -5.97
C SER D 98 -42.49 11.81 -5.22
N PRO D 99 -42.32 11.94 -3.90
CA PRO D 99 -41.67 10.91 -3.08
C PRO D 99 -42.61 9.77 -2.76
N VAL D 100 -42.26 8.55 -3.09
CA VAL D 100 -43.26 7.53 -3.07
C VAL D 100 -43.83 7.64 -1.70
N PRO D 101 -45.12 7.48 -1.59
CA PRO D 101 -45.73 7.68 -0.29
C PRO D 101 -45.40 6.84 0.88
N ASP D 102 -45.73 5.58 0.77
CA ASP D 102 -45.22 4.61 1.71
C ASP D 102 -43.74 4.29 1.47
N ASP D 103 -42.99 4.19 2.55
CA ASP D 103 -41.60 3.78 2.49
C ASP D 103 -40.76 4.75 1.66
N GLY D 104 -41.08 6.04 1.71
CA GLY D 104 -40.26 7.02 1.05
C GLY D 104 -39.78 8.06 2.03
N LEU D 105 -38.47 8.17 2.27
CA LEU D 105 -37.97 9.12 3.26
C LEU D 105 -37.58 10.46 2.61
N THR D 106 -37.72 11.54 3.37
CA THR D 106 -37.20 12.86 3.01
C THR D 106 -36.36 13.23 4.20
N LEU D 107 -35.59 14.31 4.13
CA LEU D 107 -34.85 14.69 5.30
C LEU D 107 -35.81 15.12 6.42
N HIS D 108 -37.00 15.53 6.03
CA HIS D 108 -38.06 15.87 6.96
C HIS D 108 -38.64 14.69 7.61
N ARG D 109 -39.20 13.80 6.82
CA ARG D 109 -39.86 12.62 7.32
C ARG D 109 -39.04 11.95 8.37
N LEU D 110 -37.74 11.92 8.18
CA LEU D 110 -36.85 11.20 9.09
C LEU D 110 -36.56 11.93 10.40
N SER D 111 -36.73 13.24 10.41
CA SER D 111 -36.55 14.02 11.62
C SER D 111 -37.65 13.69 12.56
N GLY D 112 -38.81 13.48 11.96
CA GLY D 112 -39.99 13.09 12.68
C GLY D 112 -39.81 11.72 13.18
N PHE D 113 -39.75 10.76 12.27
CA PHE D 113 -39.73 9.38 12.65
C PHE D 113 -38.76 9.06 13.73
N LEU D 114 -37.65 9.76 13.76
CA LEU D 114 -36.67 9.53 14.80
C LEU D 114 -37.10 10.33 15.97
N ALA D 115 -37.89 11.36 15.72
CA ALA D 115 -38.47 12.00 16.89
C ALA D 115 -39.35 11.01 17.62
N ARG D 116 -40.42 10.59 16.97
CA ARG D 116 -41.30 9.54 17.48
C ARG D 116 -40.52 8.35 18.06
N TYR D 117 -39.77 7.68 17.20
CA TYR D 117 -38.91 6.57 17.59
C TYR D 117 -38.15 6.77 18.91
N LEU D 118 -37.59 7.97 19.05
CA LEU D 118 -36.83 8.33 20.22
C LEU D 118 -37.74 8.34 21.43
N LEU D 119 -38.85 9.07 21.30
CA LEU D 119 -39.87 9.16 22.31
C LEU D 119 -40.32 7.78 22.73
N GLU D 120 -40.89 7.07 21.76
CA GLU D 120 -41.39 5.72 21.95
C GLU D 120 -40.42 4.83 22.68
N LYS D 121 -39.14 4.97 22.34
CA LYS D 121 -38.09 4.20 22.98
C LYS D 121 -38.04 4.55 24.45
N MET D 122 -38.01 5.84 24.75
CA MET D 122 -38.00 6.31 26.14
C MET D 122 -39.14 5.71 26.97
N LEU D 123 -40.36 5.67 26.42
CA LEU D 123 -41.49 5.14 27.19
C LEU D 123 -41.36 3.63 27.53
N LYS D 124 -40.41 2.96 26.89
CA LYS D 124 -40.32 1.49 26.96
C LYS D 124 -39.12 1.00 27.75
N VAL D 125 -38.02 1.73 27.64
CA VAL D 125 -36.75 1.28 28.18
C VAL D 125 -36.60 1.60 29.65
N SER D 126 -35.44 1.28 30.20
CA SER D 126 -35.15 1.46 31.61
C SER D 126 -34.47 2.79 31.87
N GLU D 127 -34.74 3.35 33.05
CA GLU D 127 -34.19 4.64 33.49
C GLU D 127 -32.72 4.94 33.19
N PRO D 128 -31.83 3.91 33.22
CA PRO D 128 -30.46 4.13 32.75
C PRO D 128 -30.41 4.38 31.26
N GLU D 129 -31.25 3.65 30.52
CA GLU D 129 -31.26 3.79 29.07
C GLU D 129 -31.82 5.16 28.68
N LYS D 130 -32.81 5.62 29.44
CA LYS D 130 -33.37 6.94 29.19
C LYS D 130 -32.26 7.98 29.26
N LEU D 131 -31.48 7.87 30.33
CA LEU D 131 -30.42 8.83 30.64
C LEU D 131 -29.40 9.06 29.54
N ILE D 132 -28.89 7.99 28.93
CA ILE D 132 -27.93 8.16 27.83
C ILE D 132 -28.60 8.76 26.61
N ILE D 133 -29.82 8.33 26.32
CA ILE D 133 -30.59 8.94 25.25
C ILE D 133 -30.55 10.45 25.43
N LYS D 134 -30.94 10.89 26.61
CA LYS D 134 -30.90 12.33 26.94
C LYS D 134 -29.49 12.87 26.79
N SER D 135 -28.52 12.08 27.22
CA SER D 135 -27.12 12.42 27.07
C SER D 135 -26.72 12.62 25.59
N LYS D 136 -27.11 11.67 24.74
CA LYS D 136 -26.72 11.64 23.33
C LYS D 136 -27.48 12.61 22.44
N ILE D 137 -28.81 12.56 22.50
CA ILE D 137 -29.63 13.32 21.56
C ILE D 137 -29.59 14.79 21.88
N ILE D 138 -29.13 15.62 20.95
CA ILE D 138 -29.18 17.05 21.21
C ILE D 138 -29.71 17.79 20.01
N ASN D 139 -30.98 18.17 20.00
CA ASN D 139 -31.37 19.02 18.89
C ASN D 139 -31.13 20.47 19.15
N PRO D 140 -30.47 21.13 18.18
CA PRO D 140 -30.10 22.53 18.28
C PRO D 140 -31.32 23.43 18.15
N LEU D 141 -32.39 22.94 17.52
CA LEU D 141 -33.58 23.74 17.36
C LEU D 141 -34.17 24.19 18.71
N ALA D 142 -34.50 23.24 19.56
CA ALA D 142 -35.04 23.56 20.86
C ALA D 142 -33.97 24.20 21.73
N GLU D 143 -32.74 23.71 21.64
CA GLU D 143 -31.67 24.16 22.54
C GLU D 143 -31.17 25.55 22.20
N LYS D 144 -31.38 25.83 20.93
CA LYS D 144 -31.33 27.11 20.36
C LYS D 144 -32.43 27.69 21.16
N ASN D 145 -32.20 28.90 21.67
CA ASN D 145 -32.99 29.44 22.74
C ASN D 145 -32.86 28.51 23.93
N GLY D 146 -33.94 28.29 24.66
CA GLY D 146 -33.75 27.39 25.75
C GLY D 146 -34.75 26.32 26.08
N ILE D 147 -35.05 25.46 25.15
CA ILE D 147 -35.85 24.31 25.48
C ILE D 147 -34.85 23.22 25.52
N THR D 148 -34.99 22.30 26.46
CA THR D 148 -34.01 21.27 26.69
C THR D 148 -34.68 20.12 27.30
N TRP D 149 -33.98 19.06 27.54
CA TRP D 149 -34.62 17.84 27.89
C TRP D 149 -35.41 18.03 29.12
N ASN D 150 -34.91 18.91 29.97
CA ASN D 150 -35.46 19.12 31.28
C ASN D 150 -36.89 19.56 31.19
N ASP D 151 -37.21 20.35 30.19
CA ASP D 151 -38.59 20.70 29.96
C ASP D 151 -39.36 19.44 29.70
N GLY D 152 -38.83 18.51 28.93
CA GLY D 152 -39.45 17.20 28.86
C GLY D 152 -39.52 16.52 27.52
N GLU D 153 -39.81 15.22 27.55
CA GLU D 153 -39.68 14.46 26.31
C GLU D 153 -40.46 15.03 25.14
N GLU D 154 -41.77 15.16 25.34
CA GLU D 154 -42.70 15.49 24.26
C GLU D 154 -42.45 16.88 23.70
N VAL D 155 -42.10 17.83 24.55
CA VAL D 155 -41.80 19.16 24.03
C VAL D 155 -40.52 19.09 23.19
N TYR D 156 -39.42 18.80 23.87
CA TYR D 156 -38.08 18.72 23.29
C TYR D 156 -38.05 17.99 21.95
N LEU D 157 -38.79 16.89 21.87
CA LEU D 157 -38.86 16.10 20.65
C LEU D 157 -39.78 16.76 19.60
N SER D 158 -40.62 17.69 20.04
CA SER D 158 -41.57 18.33 19.14
C SER D 158 -40.96 19.49 18.38
N PHE D 159 -39.74 19.85 18.75
CA PHE D 159 -39.02 20.90 18.03
C PHE D 159 -38.35 20.33 16.81
N PHE D 160 -38.13 19.01 16.85
CA PHE D 160 -37.67 18.27 15.69
C PHE D 160 -38.66 18.55 14.58
N PRO D 161 -38.15 18.78 13.37
CA PRO D 161 -39.06 18.97 12.22
C PRO D 161 -39.72 17.65 11.80
N GLY D 162 -41.04 17.70 11.58
CA GLY D 162 -41.77 16.50 11.17
C GLY D 162 -42.38 15.83 12.37
N SER D 163 -42.35 16.53 13.49
CA SER D 163 -42.98 16.10 14.74
C SER D 163 -44.50 16.32 14.68
N GLU D 164 -44.90 17.39 13.98
CA GLU D 164 -46.29 17.71 13.67
C GLU D 164 -46.99 16.63 12.84
N MET D 165 -46.22 15.69 12.30
CA MET D 165 -46.85 14.53 11.70
C MET D 165 -47.10 13.49 12.78
N PHE D 166 -47.00 13.94 14.02
CA PHE D 166 -47.37 13.12 15.17
C PHE D 166 -48.13 13.81 16.33
N LEU D 167 -48.99 14.75 16.01
CA LEU D 167 -49.70 15.60 16.95
C LEU D 167 -50.27 14.85 18.15
N GLY D 168 -50.89 13.71 17.87
CA GLY D 168 -51.41 12.83 18.90
C GLY D 168 -50.32 12.40 19.88
N THR D 169 -49.29 11.73 19.36
CA THR D 169 -48.19 11.27 20.21
C THR D 169 -47.34 12.42 20.72
N PHE D 170 -47.45 13.59 20.10
CA PHE D 170 -46.69 14.74 20.58
C PHE D 170 -47.56 15.76 21.31
N ARG D 171 -48.77 15.33 21.66
CA ARG D 171 -49.70 16.13 22.45
C ARG D 171 -49.93 17.55 21.99
N PHE D 172 -49.72 17.80 20.70
CA PHE D 172 -50.04 19.07 20.07
C PHE D 172 -48.96 20.10 20.27
N TYR D 173 -47.95 19.72 21.03
CA TYR D 173 -46.72 20.52 21.22
C TYR D 173 -46.00 21.01 19.95
N PRO D 174 -46.12 20.27 18.83
CA PRO D 174 -45.60 21.00 17.68
C PRO D 174 -46.51 22.17 17.30
N LEU D 175 -47.82 21.94 17.26
CA LEU D 175 -48.78 23.00 16.94
C LEU D 175 -48.65 24.19 17.90
N ALA D 176 -48.45 23.87 19.17
CA ALA D 176 -48.32 24.88 20.21
C ALA D 176 -47.05 25.67 20.03
N ILE D 177 -46.00 24.99 19.54
CA ILE D 177 -44.72 25.64 19.29
C ILE D 177 -44.86 26.69 18.18
N GLY D 178 -45.72 26.38 17.22
CA GLY D 178 -45.86 27.25 16.06
C GLY D 178 -46.77 28.40 16.41
N ILE D 179 -47.86 28.10 17.11
CA ILE D 179 -48.77 29.15 17.49
C ILE D 179 -48.06 30.19 18.36
N TYR D 180 -47.24 29.74 19.29
CA TYR D 180 -46.47 30.65 20.14
C TYR D 180 -45.40 31.37 19.33
N LYS D 181 -44.78 30.67 18.39
CA LYS D 181 -43.75 31.26 17.55
C LYS D 181 -44.34 32.39 16.71
N VAL D 182 -45.63 32.29 16.39
CA VAL D 182 -46.35 33.35 15.70
C VAL D 182 -46.70 34.44 16.72
N GLN D 183 -47.07 35.60 16.25
CA GLN D 183 -47.33 36.64 17.22
C GLN D 183 -46.13 36.87 18.09
N ARG D 184 -45.01 36.88 17.40
CA ARG D 184 -43.75 37.32 17.87
C ARG D 184 -43.15 37.38 16.52
N LYS D 185 -41.98 37.97 16.40
CA LYS D 185 -41.21 37.68 15.20
C LYS D 185 -40.72 36.26 14.74
N GLU D 186 -40.87 35.39 15.73
CA GLU D 186 -40.17 34.15 15.81
C GLU D 186 -40.60 33.45 14.55
N MET D 187 -41.86 33.49 14.17
CA MET D 187 -42.23 32.76 12.96
C MET D 187 -43.22 33.53 12.11
N GLU D 188 -43.24 33.23 10.81
CA GLU D 188 -44.20 33.83 9.90
C GLU D 188 -45.49 33.02 9.92
N PRO D 189 -46.64 33.65 9.57
CA PRO D 189 -47.94 32.98 9.47
C PRO D 189 -47.89 31.73 8.59
N LYS D 190 -47.07 31.79 7.55
CA LYS D 190 -46.79 30.64 6.71
C LYS D 190 -45.98 29.62 7.51
N TYR D 191 -45.89 28.39 7.00
CA TYR D 191 -45.07 27.35 7.63
C TYR D 191 -45.70 26.82 8.92
N LEU D 192 -46.93 27.26 9.15
CA LEU D 192 -47.74 26.82 10.26
C LEU D 192 -48.90 26.08 9.62
N GLU D 193 -49.18 26.49 8.39
CA GLU D 193 -50.37 26.04 7.68
C GLU D 193 -50.33 24.55 7.40
N LYS D 194 -49.12 24.01 7.29
CA LYS D 194 -48.95 22.58 7.01
C LYS D 194 -49.19 21.71 8.24
N THR D 195 -49.19 22.33 9.42
CA THR D 195 -49.49 21.63 10.68
C THR D 195 -51.00 21.56 10.90
N MET D 196 -51.68 22.66 10.58
CA MET D 196 -53.14 22.73 10.58
C MET D 196 -53.81 21.73 9.65
N ARG D 197 -53.02 21.06 8.81
CA ARG D 197 -53.53 20.05 7.89
C ARG D 197 -53.36 18.61 8.42
N GLN D 198 -52.89 18.50 9.65
CA GLN D 198 -52.54 17.24 10.27
C GLN D 198 -53.71 16.58 10.97
N ARG D 199 -53.44 15.59 11.80
CA ARG D 199 -54.49 14.92 12.56
C ARG D 199 -54.09 14.72 14.03
N TYR D 200 -55.03 14.99 14.92
CA TYR D 200 -54.78 14.84 16.33
C TYR D 200 -54.70 13.43 16.83
N MET D 201 -55.65 12.59 16.46
CA MET D 201 -55.51 11.19 16.76
C MET D 201 -56.30 10.42 15.76
N GLY D 202 -56.21 10.86 14.54
CA GLY D 202 -57.14 10.41 13.53
C GLY D 202 -58.25 11.39 13.41
N LEU D 203 -58.23 12.44 14.21
CA LEU D 203 -59.31 13.39 14.19
C LEU D 203 -58.96 14.30 13.10
N GLU D 204 -59.59 14.11 11.97
CA GLU D 204 -59.23 14.94 10.84
C GLU D 204 -59.06 16.42 11.23
N ALA D 205 -58.14 17.12 10.59
CA ALA D 205 -57.81 18.51 10.91
C ALA D 205 -59.01 19.41 11.23
N ALA D 206 -60.14 19.21 10.54
CA ALA D 206 -61.34 20.03 10.76
C ALA D 206 -62.15 19.57 11.98
N THR D 207 -61.91 18.34 12.43
CA THR D 207 -62.58 17.86 13.62
C THR D 207 -61.87 18.28 14.87
N TRP D 208 -60.69 17.78 15.09
CA TRP D 208 -59.99 18.06 16.36
C TRP D 208 -59.97 19.51 16.79
N THR D 209 -59.95 20.42 15.82
CA THR D 209 -59.85 21.85 16.09
C THR D 209 -60.77 22.31 17.21
N VAL D 210 -62.07 22.05 17.08
CA VAL D 210 -63.00 22.34 18.18
C VAL D 210 -62.97 21.25 19.24
N SER D 211 -63.20 20.02 18.85
CA SER D 211 -63.48 18.97 19.77
C SER D 211 -62.36 18.90 20.78
N LYS D 212 -61.18 19.35 20.38
CA LYS D 212 -60.01 19.34 21.26
C LYS D 212 -59.42 20.70 21.52
N LEU D 213 -60.22 21.71 21.33
CA LEU D 213 -59.80 23.08 21.57
C LEU D 213 -59.10 23.22 22.92
N THR D 214 -59.75 22.73 23.98
CA THR D 214 -59.23 22.85 25.34
C THR D 214 -57.88 22.19 25.59
N GLU D 215 -57.47 21.33 24.64
CA GLU D 215 -56.19 20.61 24.68
C GLU D 215 -55.06 21.49 24.16
N VAL D 216 -55.25 22.01 22.95
CA VAL D 216 -54.32 22.96 22.36
C VAL D 216 -54.06 24.13 23.31
N GLN D 217 -55.10 24.55 24.04
CA GLN D 217 -55.04 25.70 24.93
C GLN D 217 -54.10 25.49 26.10
N SER D 218 -53.86 24.22 26.40
CA SER D 218 -53.03 23.81 27.52
C SER D 218 -51.69 23.37 27.01
N ALA D 219 -51.66 22.88 25.78
CA ALA D 219 -50.39 22.55 25.13
C ALA D 219 -49.68 23.87 24.89
N LEU D 220 -50.46 24.90 24.57
CA LEU D 220 -49.94 26.26 24.38
C LEU D 220 -49.61 26.99 25.70
N THR D 221 -50.42 26.79 26.72
CA THR D 221 -50.23 27.53 27.96
C THR D 221 -49.05 26.92 28.68
N VAL D 222 -48.71 25.71 28.27
CA VAL D 222 -47.53 25.01 28.78
C VAL D 222 -46.27 25.45 28.00
N VAL D 223 -46.45 25.72 26.71
CA VAL D 223 -45.34 26.15 25.86
C VAL D 223 -44.91 27.59 26.21
N SER D 224 -45.90 28.43 26.35
CA SER D 224 -45.71 29.80 26.72
C SER D 224 -45.12 29.84 28.10
N SER D 225 -45.27 28.76 28.85
CA SER D 225 -44.64 28.68 30.13
C SER D 225 -43.20 28.67 29.92
N LEU D 226 -42.77 27.85 28.97
CA LEU D 226 -41.35 27.61 28.84
C LEU D 226 -40.74 28.93 28.57
N GLY D 227 -39.61 29.24 29.15
CA GLY D 227 -38.90 30.36 28.56
C GLY D 227 -37.70 29.74 27.88
N TRP D 228 -37.51 29.77 26.57
CA TRP D 228 -38.22 30.48 25.51
C TRP D 228 -37.75 31.87 25.30
N LYS D 229 -36.69 32.24 25.98
CA LYS D 229 -36.06 33.51 25.70
C LYS D 229 -35.36 33.39 24.34
N LYS D 230 -35.95 34.05 23.35
CA LYS D 230 -35.41 34.08 22.01
C LYS D 230 -34.06 34.79 21.96
N THR D 231 -33.39 34.67 20.81
CA THR D 231 -32.12 35.35 20.49
C THR D 231 -30.74 34.90 21.03
N ASN D 232 -30.57 33.63 21.31
CA ASN D 232 -29.25 33.06 21.63
C ASN D 232 -28.38 33.89 22.57
N VAL D 233 -29.02 34.67 23.44
CA VAL D 233 -28.31 35.39 24.48
C VAL D 233 -28.46 34.64 25.81
N SER D 234 -27.56 34.94 26.74
CA SER D 234 -27.46 34.28 28.04
C SER D 234 -28.58 34.62 28.99
N ALA D 235 -28.84 33.74 29.95
CA ALA D 235 -29.89 33.99 30.92
C ALA D 235 -29.78 35.43 31.42
N ALA D 236 -28.56 35.83 31.77
CA ALA D 236 -28.34 37.14 32.35
C ALA D 236 -28.33 38.25 31.30
N ALA D 237 -28.31 37.88 30.02
CA ALA D 237 -28.03 38.83 28.95
C ALA D 237 -29.23 39.65 28.46
N ARG D 238 -30.38 39.02 28.25
CA ARG D 238 -31.52 39.74 27.66
C ARG D 238 -32.14 40.76 28.61
N ASP D 239 -32.35 40.36 29.85
CA ASP D 239 -32.89 41.27 30.84
C ASP D 239 -31.90 42.41 31.05
N PHE D 240 -30.61 42.08 31.07
CA PHE D 240 -29.57 43.11 31.04
C PHE D 240 -29.82 44.05 29.84
N LEU D 241 -30.18 43.46 28.72
CA LEU D 241 -30.40 44.26 27.53
C LEU D 241 -31.76 45.00 27.59
N ALA D 242 -32.73 44.42 28.30
CA ALA D 242 -33.98 45.13 28.62
C ALA D 242 -33.70 46.48 29.30
N LYS D 243 -32.88 46.44 30.36
CA LYS D 243 -32.47 47.61 31.12
C LYS D 243 -32.13 48.83 30.27
N PHE D 244 -31.64 48.60 29.06
CA PHE D 244 -31.31 49.70 28.16
C PHE D 244 -32.32 49.79 27.03
N GLY D 245 -33.48 49.14 27.22
CA GLY D 245 -34.58 49.22 26.28
C GLY D 245 -34.39 48.42 25.01
N ILE D 246 -33.86 47.20 25.14
CA ILE D 246 -33.61 46.33 23.98
C ILE D 246 -34.28 44.94 24.09
N ASN D 247 -35.26 44.75 23.24
CA ASN D 247 -36.13 43.60 23.29
C ASN D 247 -35.52 42.42 22.56
N MET D 248 -34.82 41.59 23.30
CA MET D 248 -34.24 40.39 22.71
C MET D 248 -34.00 39.32 23.76
#